data_6WAS
#
_entry.id   6WAS
#
_cell.length_a   73.697
_cell.length_b   97.893
_cell.length_c   168.015
_cell.angle_alpha   90.000
_cell.angle_beta   90.000
_cell.angle_gamma   90.000
#
_symmetry.space_group_name_H-M   'P 21 21 21'
#
loop_
_entity.id
_entity.type
_entity.pdbx_description
1 polymer 'GN1_PA8 Fab Heavy chain'
2 polymer 'GN1_PA8 Fab Light chain'
3 polymer '1FD6 16055 V1V2 scaffold'
4 non-polymer 2-acetamido-2-deoxy-beta-D-glucopyranose
5 water water
#
loop_
_entity_poly.entity_id
_entity_poly.type
_entity_poly.pdbx_seq_one_letter_code
_entity_poly.pdbx_strand_id
1 'polypeptide(L)'
;(PCA)VQLVESGGGLAKPGGSLRLSCAASGITFSEDYMHWVRQASGKGLEWVSRISYDSDNTWYADSVKGRFTISRENAK
NTLYLQMDSLRAEDTAVYYCARAPVWTGYTSLDVWGRGVLVTVSSASTKGPSVFPLAPSSKSTSGGTAALGCLVKDYFPE
PVTVSWNSGALTSGVHTFPAVLQSSGLYSLSSVVTVPSSSLGTQTYICNVNHKPSNTKVDKRVEPKS
;
H,A
2 'polypeptide(L)'
;(PCA)VVFSQPHSVSGSPGQTVTISCTRSSGSIDNEYVRWYQQRPGSVPTIVIYKDNQRPSGVPDRFSGSIDSSSNSASL
AISGLQSEDEADYYCQSSDDNFNWVFGGGTRLTVLRQPKAAPSVTLFPPSSEELQANKATLVCLISDFYPGAVTVAWKAD
SSPVKAGVETTTPSKQSNNKYAASSYLSLTPEQWKSHRSYSCQVTHEGSTVEKTVAPTECS
;
L,B
3 'polypeptide(L)'
;MTTFKLAACVTLECRQVNTTNATSSVNVTNGEEIKNCSFNATTEIRDKKQKVYALFYRLDIVPLEEERKGNSSKYRLINC
QTTTTEAVDAATAAKVFKQYANDNGIDGEWTYDDATKTFTVTEGLEVLFQGPGHHHHHHHHSAWSHPQFEK
;
G,J
#
loop_
_chem_comp.id
_chem_comp.type
_chem_comp.name
_chem_comp.formula
NAG D-saccharide, beta linking 2-acetamido-2-deoxy-beta-D-glucopyranose 'C8 H15 N O6'
#
# COMPACT_ATOMS: atom_id res chain seq x y z
N PCA A 1 -24.72 -24.94 20.08
CA PCA A 1 -24.82 -23.63 20.81
CB PCA A 1 -23.79 -22.66 20.25
CG PCA A 1 -23.45 -23.17 18.86
CD PCA A 1 -23.91 -24.60 18.91
OE PCA A 1 -23.59 -25.41 18.03
C PCA A 1 -26.20 -23.05 20.60
O PCA A 1 -27.05 -23.69 19.98
H PCA A 1 -24.00 -25.38 20.35
HA PCA A 1 -24.66 -23.78 21.77
HB2 PCA A 1 -22.99 -22.64 20.83
HB3 PCA A 1 -24.15 -21.75 20.21
HG2 PCA A 1 -22.49 -23.08 18.68
HG3 PCA A 1 -23.95 -22.66 18.19
N VAL A 2 -26.44 -21.85 21.13
CA VAL A 2 -27.67 -21.14 20.85
C VAL A 2 -27.59 -20.58 19.43
N GLN A 3 -28.62 -20.86 18.64
CA GLN A 3 -28.76 -20.28 17.30
C GLN A 3 -30.13 -19.64 17.18
N LEU A 4 -30.17 -18.45 16.60
CA LEU A 4 -31.39 -17.68 16.43
C LEU A 4 -31.73 -17.63 14.95
N VAL A 5 -32.96 -18.00 14.61
CA VAL A 5 -33.42 -18.03 13.23
C VAL A 5 -34.69 -17.18 13.16
N GLU A 6 -34.60 -16.05 12.47
CA GLU A 6 -35.75 -15.18 12.27
C GLU A 6 -36.61 -15.71 11.13
N SER A 7 -37.91 -15.41 11.22
CA SER A 7 -38.85 -15.72 10.15
C SER A 7 -39.90 -14.63 10.12
N GLY A 8 -40.72 -14.64 9.08
CA GLY A 8 -41.77 -13.65 8.93
C GLY A 8 -41.29 -12.44 8.18
N GLY A 9 -41.82 -11.27 8.52
CA GLY A 9 -41.43 -10.07 7.80
C GLY A 9 -41.90 -10.14 6.35
N GLY A 10 -41.07 -9.62 5.45
CA GLY A 10 -41.42 -9.55 4.04
C GLY A 10 -41.80 -8.15 3.61
N LEU A 11 -42.69 -8.05 2.64
CA LEU A 11 -43.06 -6.79 2.00
C LEU A 11 -44.38 -6.28 2.59
N ALA A 12 -44.48 -4.96 2.75
CA ALA A 12 -45.71 -4.34 3.22
C ALA A 12 -45.77 -2.90 2.71
N LYS A 13 -46.98 -2.33 2.77
CA LYS A 13 -47.20 -0.96 2.35
C LYS A 13 -47.16 -0.01 3.54
N PRO A 14 -46.82 1.25 3.33
CA PRO A 14 -46.91 2.23 4.43
C PRO A 14 -48.26 2.15 5.12
N GLY A 15 -48.23 2.11 6.45
CA GLY A 15 -49.43 1.90 7.23
C GLY A 15 -49.75 0.44 7.46
N GLY A 16 -49.12 -0.47 6.74
CA GLY A 16 -49.36 -1.89 6.91
C GLY A 16 -48.75 -2.42 8.21
N SER A 17 -48.77 -3.75 8.32
CA SER A 17 -48.46 -4.42 9.58
C SER A 17 -47.90 -5.81 9.31
N LEU A 18 -46.78 -6.13 9.97
CA LEU A 18 -46.09 -7.41 9.81
C LEU A 18 -45.70 -7.93 11.18
N ARG A 19 -45.42 -9.23 11.24
CA ARG A 19 -44.93 -9.85 12.47
C ARG A 19 -43.66 -10.64 12.18
N LEU A 20 -42.61 -10.35 12.94
CA LEU A 20 -41.39 -11.13 12.92
C LEU A 20 -41.40 -12.15 14.05
N SER A 21 -40.79 -13.30 13.77
CA SER A 21 -40.67 -14.37 14.73
C SER A 21 -39.22 -14.84 14.76
N CYS A 22 -38.74 -15.26 15.93
CA CYS A 22 -37.37 -15.73 16.09
C CYS A 22 -37.36 -16.97 16.96
N ALA A 23 -36.89 -18.08 16.41
CA ALA A 23 -36.84 -19.35 17.13
C ALA A 23 -35.41 -19.57 17.63
N ALA A 24 -35.26 -19.76 18.93
CA ALA A 24 -33.96 -19.94 19.56
C ALA A 24 -33.76 -21.41 19.94
N SER A 25 -32.67 -22.00 19.46
CA SER A 25 -32.25 -23.29 19.96
C SER A 25 -31.49 -23.11 21.27
N GLY A 26 -31.17 -24.22 21.92
CA GLY A 26 -30.39 -24.17 23.13
C GLY A 26 -31.23 -24.15 24.38
N ILE A 27 -30.56 -23.84 25.49
CA ILE A 27 -31.10 -24.08 26.83
C ILE A 27 -31.22 -22.82 27.66
N THR A 28 -30.87 -21.65 27.13
CA THR A 28 -30.79 -20.43 27.94
C THR A 28 -31.94 -19.46 27.72
N PHE A 29 -32.83 -19.70 26.75
CA PHE A 29 -33.81 -18.69 26.36
C PHE A 29 -34.59 -18.16 27.57
N SER A 30 -35.01 -19.06 28.46
CA SER A 30 -35.88 -18.66 29.56
C SER A 30 -35.18 -17.75 30.56
N GLU A 31 -33.85 -17.62 30.50
CA GLU A 31 -33.13 -16.69 31.36
C GLU A 31 -32.52 -15.51 30.59
N ASP A 32 -32.67 -15.45 29.27
CA ASP A 32 -32.05 -14.41 28.46
C ASP A 32 -32.97 -13.19 28.29
N TYR A 33 -32.38 -12.00 28.35
CA TYR A 33 -32.99 -10.84 27.72
C TYR A 33 -32.86 -10.99 26.22
N MET A 34 -33.91 -10.63 25.49
CA MET A 34 -33.93 -10.76 24.03
C MET A 34 -34.18 -9.40 23.40
N HIS A 35 -33.47 -9.14 22.30
CA HIS A 35 -33.45 -7.84 21.65
C HIS A 35 -33.81 -7.98 20.19
N TRP A 36 -34.26 -6.87 19.61
CA TRP A 36 -34.34 -6.69 18.16
C TRP A 36 -33.44 -5.53 17.77
N VAL A 37 -32.64 -5.73 16.72
CA VAL A 37 -31.77 -4.70 16.15
C VAL A 37 -31.96 -4.75 14.64
N ARG A 38 -31.99 -3.59 14.00
CA ARG A 38 -32.19 -3.55 12.57
C ARG A 38 -31.04 -2.80 11.90
N GLN A 39 -30.87 -3.04 10.61
CA GLN A 39 -29.78 -2.44 9.85
C GLN A 39 -30.24 -2.25 8.42
N ALA A 40 -30.39 -1.01 8.00
CA ALA A 40 -30.73 -0.71 6.62
C ALA A 40 -29.50 -0.96 5.74
N SER A 41 -29.75 -1.37 4.50
CA SER A 41 -28.67 -1.68 3.58
C SER A 41 -27.66 -0.54 3.56
N GLY A 42 -26.40 -0.85 3.83
CA GLY A 42 -25.34 0.13 3.84
C GLY A 42 -25.38 1.13 4.97
N LYS A 43 -26.21 0.92 5.99
CA LYS A 43 -26.33 1.85 7.11
C LYS A 43 -25.91 1.18 8.41
N GLY A 44 -25.96 1.96 9.48
CA GLY A 44 -25.50 1.50 10.77
C GLY A 44 -26.53 0.68 11.50
N LEU A 45 -26.05 0.01 12.55
CA LEU A 45 -26.95 -0.72 13.44
C LEU A 45 -27.85 0.26 14.17
N GLU A 46 -29.13 -0.08 14.29
CA GLU A 46 -30.10 0.71 15.05
C GLU A 46 -30.84 -0.21 16.00
N TRP A 47 -30.70 0.06 17.29
CA TRP A 47 -31.37 -0.74 18.30
C TRP A 47 -32.88 -0.47 18.27
N VAL A 48 -33.68 -1.54 18.33
CA VAL A 48 -35.13 -1.44 18.19
C VAL A 48 -35.85 -1.63 19.53
N SER A 49 -35.62 -2.76 20.19
CA SER A 49 -36.45 -3.11 21.35
C SER A 49 -35.80 -4.25 22.11
N ARG A 50 -36.18 -4.39 23.39
CA ARG A 50 -35.76 -5.53 24.20
C ARG A 50 -36.83 -5.90 25.20
N ILE A 51 -36.76 -7.15 25.67
CA ILE A 51 -37.75 -7.69 26.61
C ILE A 51 -37.03 -8.56 27.64
N SER A 52 -37.37 -8.39 28.91
CA SER A 52 -36.80 -9.20 29.97
C SER A 52 -37.24 -10.65 29.84
N TYR A 53 -36.52 -11.54 30.52
CA TYR A 53 -36.79 -12.97 30.40
C TYR A 53 -38.18 -13.33 30.90
N ASP A 54 -38.72 -12.56 31.86
CA ASP A 54 -40.05 -12.83 32.41
C ASP A 54 -41.13 -11.95 31.80
N SER A 55 -40.83 -11.26 30.70
CA SER A 55 -41.77 -10.47 29.90
C SER A 55 -42.34 -9.28 30.65
N ASP A 56 -41.89 -9.02 31.89
CA ASP A 56 -42.49 -7.95 32.66
C ASP A 56 -41.98 -6.59 32.28
N ASN A 57 -40.83 -6.50 31.61
CA ASN A 57 -40.23 -5.22 31.27
C ASN A 57 -39.89 -5.22 29.79
N THR A 58 -40.28 -4.15 29.09
CA THR A 58 -40.00 -3.98 27.68
C THR A 58 -39.53 -2.54 27.47
N TRP A 59 -38.73 -2.35 26.43
CA TRP A 59 -38.26 -1.02 26.05
C TRP A 59 -38.30 -0.91 24.53
N TYR A 60 -38.46 0.32 24.04
CA TYR A 60 -38.55 0.57 22.61
C TYR A 60 -37.79 1.83 22.25
N ALA A 61 -37.08 1.78 21.12
CA ALA A 61 -36.50 2.99 20.56
C ALA A 61 -37.59 4.02 20.28
N ASP A 62 -37.24 5.29 20.45
CA ASP A 62 -38.20 6.37 20.17
C ASP A 62 -38.80 6.22 18.77
N SER A 63 -37.99 5.78 17.80
CA SER A 63 -38.43 5.70 16.41
C SER A 63 -39.54 4.67 16.19
N VAL A 64 -39.71 3.72 17.11
CA VAL A 64 -40.72 2.68 16.95
C VAL A 64 -41.73 2.66 18.08
N LYS A 65 -41.56 3.48 19.11
CA LYS A 65 -42.45 3.41 20.27
C LYS A 65 -43.88 3.70 19.85
N GLY A 66 -44.81 2.88 20.33
CA GLY A 66 -46.21 3.01 19.98
C GLY A 66 -46.60 2.26 18.73
N ARG A 67 -45.65 1.89 17.87
CA ARG A 67 -45.95 1.18 16.63
C ARG A 67 -45.50 -0.28 16.66
N PHE A 68 -44.41 -0.60 17.35
CA PHE A 68 -43.95 -1.98 17.47
C PHE A 68 -44.25 -2.51 18.87
N THR A 69 -44.45 -3.82 18.95
CA THR A 69 -44.67 -4.48 20.22
C THR A 69 -43.85 -5.76 20.27
N ILE A 70 -42.97 -5.87 21.26
CA ILE A 70 -42.12 -7.04 21.44
C ILE A 70 -42.81 -7.97 22.42
N SER A 71 -42.68 -9.27 22.19
CA SER A 71 -43.25 -10.27 23.08
C SER A 71 -42.45 -11.55 22.91
N ARG A 72 -42.67 -12.49 23.81
CA ARG A 72 -41.94 -13.74 23.77
C ARG A 72 -42.82 -14.85 24.34
N GLU A 73 -42.48 -16.09 23.99
CA GLU A 73 -43.14 -17.27 24.51
C GLU A 73 -42.04 -18.25 24.91
N ASN A 74 -41.72 -18.29 26.20
CA ASN A 74 -40.55 -19.06 26.64
C ASN A 74 -40.75 -20.56 26.45
N ALA A 75 -41.97 -21.05 26.64
CA ALA A 75 -42.19 -22.49 26.47
C ALA A 75 -41.88 -22.95 25.06
N LYS A 76 -41.86 -22.04 24.08
CA LYS A 76 -41.54 -22.34 22.70
C LYS A 76 -40.24 -21.71 22.22
N ASN A 77 -39.47 -21.10 23.12
CA ASN A 77 -38.18 -20.50 22.75
C ASN A 77 -38.32 -19.54 21.58
N THR A 78 -39.34 -18.70 21.63
CA THR A 78 -39.68 -17.85 20.49
C THR A 78 -39.81 -16.39 20.91
N LEU A 79 -39.21 -15.52 20.12
CA LEU A 79 -39.33 -14.07 20.28
C LEU A 79 -40.18 -13.53 19.14
N TYR A 80 -40.99 -12.51 19.43
CA TYR A 80 -41.83 -11.88 18.42
C TYR A 80 -41.58 -10.37 18.36
N LEU A 81 -41.84 -9.82 17.18
CA LEU A 81 -41.91 -8.37 17.03
C LEU A 81 -43.12 -8.08 16.13
N GLN A 82 -44.15 -7.46 16.71
CA GLN A 82 -45.32 -7.04 15.98
C GLN A 82 -45.09 -5.62 15.46
N MET A 83 -45.07 -5.46 14.15
CA MET A 83 -44.74 -4.20 13.51
C MET A 83 -46.00 -3.63 12.86
N ASP A 84 -46.60 -2.64 13.50
CA ASP A 84 -47.79 -1.97 12.98
C ASP A 84 -47.41 -0.58 12.48
N SER A 85 -48.36 0.04 11.79
CA SER A 85 -48.21 1.42 11.33
C SER A 85 -46.84 1.61 10.65
N LEU A 86 -46.52 0.67 9.76
CA LEU A 86 -45.21 0.65 9.12
C LEU A 86 -44.97 1.91 8.28
N ARG A 87 -43.71 2.31 8.25
CA ARG A 87 -43.22 3.44 7.49
C ARG A 87 -42.12 2.97 6.55
N ALA A 88 -41.91 3.72 5.47
CA ALA A 88 -40.83 3.37 4.54
C ALA A 88 -39.49 3.27 5.27
N GLU A 89 -39.25 4.15 6.25
CA GLU A 89 -37.98 4.16 6.96
C GLU A 89 -37.80 2.96 7.90
N ASP A 90 -38.80 2.09 8.04
CA ASP A 90 -38.62 0.83 8.75
C ASP A 90 -37.98 -0.24 7.87
N THR A 91 -37.72 0.04 6.59
CA THR A 91 -37.08 -0.92 5.72
C THR A 91 -35.67 -1.21 6.21
N ALA A 92 -35.35 -2.48 6.43
CA ALA A 92 -34.07 -2.89 6.99
C ALA A 92 -34.08 -4.40 7.16
N VAL A 93 -32.89 -4.96 7.40
CA VAL A 93 -32.78 -6.33 7.89
C VAL A 93 -32.92 -6.28 9.40
N TYR A 94 -33.79 -7.12 9.96
CA TYR A 94 -34.04 -7.14 11.38
C TYR A 94 -33.36 -8.37 11.98
N TYR A 95 -32.60 -8.16 13.06
CA TYR A 95 -31.86 -9.21 13.75
C TYR A 95 -32.43 -9.45 15.14
N CYS A 96 -32.69 -10.71 15.44
CA CYS A 96 -32.87 -11.21 16.79
C CYS A 96 -31.51 -11.30 17.48
N ALA A 97 -31.43 -10.93 18.76
CA ALA A 97 -30.15 -11.04 19.44
C ALA A 97 -30.35 -11.30 20.93
N ARG A 98 -29.40 -12.03 21.51
CA ARG A 98 -29.47 -12.47 22.90
C ARG A 98 -28.55 -11.64 23.78
N ALA A 99 -29.08 -11.16 24.90
CA ALA A 99 -28.26 -10.56 25.96
C ALA A 99 -28.25 -11.54 27.12
N PRO A 100 -27.17 -12.30 27.32
CA PRO A 100 -27.22 -13.41 28.28
C PRO A 100 -26.71 -13.04 29.66
N VAL A 101 -26.96 -13.90 30.64
CA VAL A 101 -26.59 -13.62 32.02
C VAL A 101 -25.08 -13.37 32.16
N TRP A 102 -24.26 -14.05 31.36
CA TRP A 102 -22.83 -13.93 31.59
C TRP A 102 -22.30 -12.52 31.29
N THR A 103 -23.01 -11.74 30.48
CA THR A 103 -22.64 -10.35 30.27
C THR A 103 -23.29 -9.40 31.26
N GLY A 104 -24.02 -9.93 32.24
CA GLY A 104 -24.87 -9.10 33.07
C GLY A 104 -26.05 -8.53 32.32
N TYR A 105 -26.49 -9.21 31.27
CA TYR A 105 -27.54 -8.72 30.37
C TYR A 105 -27.14 -7.39 29.72
N THR A 106 -25.84 -7.12 29.58
CA THR A 106 -25.39 -5.82 29.08
C THR A 106 -24.95 -5.84 27.61
N SER A 107 -24.75 -7.02 27.02
N SER A 107 -24.74 -7.02 27.02
CA SER A 107 -24.19 -7.08 25.67
CA SER A 107 -24.18 -7.07 25.68
C SER A 107 -24.83 -8.20 24.88
C SER A 107 -24.79 -8.21 24.88
N LEU A 108 -24.84 -8.03 23.56
CA LEU A 108 -25.48 -8.97 22.65
C LEU A 108 -24.43 -9.89 22.04
N ASP A 109 -24.35 -11.13 22.55
CA ASP A 109 -23.29 -12.01 22.10
C ASP A 109 -23.69 -12.86 20.90
N VAL A 110 -24.95 -13.28 20.81
CA VAL A 110 -25.42 -14.14 19.74
C VAL A 110 -26.46 -13.38 18.93
N TRP A 111 -26.29 -13.36 17.62
CA TRP A 111 -27.18 -12.65 16.69
C TRP A 111 -27.76 -13.64 15.70
N GLY A 112 -29.01 -13.41 15.31
CA GLY A 112 -29.62 -14.20 14.26
C GLY A 112 -29.06 -13.84 12.90
N ARG A 113 -29.53 -14.56 11.89
CA ARG A 113 -29.07 -14.28 10.54
C ARG A 113 -29.79 -13.07 9.93
N GLY A 114 -30.97 -12.75 10.40
CA GLY A 114 -31.67 -11.56 9.96
C GLY A 114 -32.82 -11.89 9.03
N VAL A 115 -33.82 -11.01 9.00
CA VAL A 115 -34.96 -11.15 8.11
C VAL A 115 -35.24 -9.79 7.51
N LEU A 116 -35.38 -9.73 6.19
CA LEU A 116 -35.61 -8.47 5.51
C LEU A 116 -37.05 -8.02 5.67
N VAL A 117 -37.22 -6.72 5.90
CA VAL A 117 -38.52 -6.08 5.93
C VAL A 117 -38.44 -4.91 4.97
N THR A 118 -39.36 -4.86 4.01
CA THR A 118 -39.40 -3.81 3.01
C THR A 118 -40.77 -3.16 3.05
N VAL A 119 -40.80 -1.85 3.23
CA VAL A 119 -42.03 -1.08 3.28
C VAL A 119 -42.00 -0.13 2.09
N SER A 120 -42.95 -0.30 1.16
CA SER A 120 -42.97 0.46 -0.07
C SER A 120 -44.38 0.47 -0.65
N SER A 121 -44.70 1.55 -1.35
CA SER A 121 -45.94 1.64 -2.11
C SER A 121 -45.81 1.09 -3.52
N ALA A 122 -44.60 0.75 -3.96
CA ALA A 122 -44.40 0.39 -5.35
C ALA A 122 -44.99 -0.98 -5.65
N SER A 123 -45.36 -1.18 -6.91
CA SER A 123 -45.88 -2.45 -7.38
C SER A 123 -44.81 -3.20 -8.15
N THR A 124 -44.93 -4.53 -8.16
CA THR A 124 -44.02 -5.38 -8.92
C THR A 124 -43.94 -4.90 -10.37
N LYS A 125 -42.71 -4.81 -10.88
CA LYS A 125 -42.48 -4.29 -12.22
C LYS A 125 -41.14 -4.79 -12.71
N GLY A 126 -41.13 -5.32 -13.94
CA GLY A 126 -39.89 -5.79 -14.54
C GLY A 126 -39.08 -4.65 -15.12
N PRO A 127 -37.79 -4.85 -15.28
CA PRO A 127 -36.91 -3.76 -15.72
C PRO A 127 -36.97 -3.55 -17.24
N SER A 128 -36.62 -2.33 -17.62
CA SER A 128 -36.16 -2.05 -18.97
C SER A 128 -34.63 -2.16 -19.01
N VAL A 129 -34.11 -2.77 -20.06
CA VAL A 129 -32.67 -2.98 -20.19
C VAL A 129 -32.17 -2.20 -21.39
N PHE A 130 -31.18 -1.36 -21.17
CA PHE A 130 -30.60 -0.55 -22.22
C PHE A 130 -29.11 -0.83 -22.34
N PRO A 131 -28.57 -0.81 -23.55
CA PRO A 131 -27.13 -1.03 -23.72
C PRO A 131 -26.32 0.22 -23.39
N LEU A 132 -25.15 -0.01 -22.82
CA LEU A 132 -24.16 1.04 -22.59
C LEU A 132 -23.02 0.76 -23.56
N ALA A 133 -23.10 1.37 -24.74
CA ALA A 133 -22.20 1.00 -25.83
C ALA A 133 -20.78 1.47 -25.56
N PRO A 134 -19.78 0.72 -26.00
CA PRO A 134 -18.39 1.15 -25.81
C PRO A 134 -18.00 2.24 -26.79
N SER A 135 -17.05 3.06 -26.37
CA SER A 135 -16.59 4.21 -27.16
C SER A 135 -15.77 3.77 -28.37
N SER A 140 -4.04 3.73 -25.69
CA SER A 140 -2.93 3.33 -24.85
C SER A 140 -3.09 1.88 -24.40
N GLY A 141 -3.95 1.66 -23.41
CA GLY A 141 -4.21 0.31 -22.92
C GLY A 141 -5.01 -0.56 -23.85
N GLY A 142 -5.54 0.00 -24.94
CA GLY A 142 -6.36 -0.78 -25.85
C GLY A 142 -7.53 -1.43 -25.16
N THR A 143 -8.22 -0.69 -24.29
CA THR A 143 -9.23 -1.24 -23.40
C THR A 143 -10.48 -0.38 -23.45
N ALA A 144 -11.63 -1.01 -23.66
CA ALA A 144 -12.91 -0.34 -23.68
C ALA A 144 -13.84 -0.94 -22.63
N ALA A 145 -14.81 -0.13 -22.19
CA ALA A 145 -15.83 -0.57 -21.24
C ALA A 145 -17.19 -0.52 -21.90
N LEU A 146 -17.99 -1.55 -21.65
CA LEU A 146 -19.37 -1.62 -22.11
C LEU A 146 -20.21 -2.19 -20.99
N GLY A 147 -21.53 -2.11 -21.14
CA GLY A 147 -22.38 -2.56 -20.06
C GLY A 147 -23.85 -2.52 -20.40
N CYS A 148 -24.67 -2.72 -19.36
N CYS A 148 -24.67 -2.73 -19.37
CA CYS A 148 -26.12 -2.77 -19.49
CA CYS A 148 -26.12 -2.77 -19.49
C CYS A 148 -26.75 -2.02 -18.33
C CYS A 148 -26.74 -2.02 -18.34
N LEU A 149 -27.69 -1.14 -18.66
CA LEU A 149 -28.44 -0.39 -17.66
C LEU A 149 -29.77 -1.08 -17.43
N VAL A 150 -30.02 -1.50 -16.18
CA VAL A 150 -31.23 -2.20 -15.82
C VAL A 150 -32.08 -1.23 -15.00
N LYS A 151 -33.10 -0.65 -15.64
CA LYS A 151 -33.82 0.49 -15.07
C LYS A 151 -35.23 0.11 -14.59
N ASP A 152 -35.59 0.63 -13.42
CA ASP A 152 -36.97 0.75 -12.96
C ASP A 152 -37.65 -0.58 -12.73
N TYR A 153 -37.12 -1.37 -11.80
CA TYR A 153 -37.75 -2.63 -11.42
C TYR A 153 -38.08 -2.60 -9.93
N PHE A 154 -38.99 -3.49 -9.56
CA PHE A 154 -39.36 -3.69 -8.18
C PHE A 154 -40.01 -5.05 -8.05
N PRO A 155 -39.72 -5.78 -6.97
CA PRO A 155 -38.73 -5.52 -5.92
C PRO A 155 -37.36 -6.07 -6.31
N GLU A 156 -36.39 -5.96 -5.42
CA GLU A 156 -35.11 -6.64 -5.65
C GLU A 156 -35.32 -8.15 -5.50
N PRO A 157 -34.40 -8.95 -6.06
CA PRO A 157 -33.20 -8.59 -6.81
C PRO A 157 -33.30 -8.81 -8.31
N VAL A 158 -32.30 -8.30 -9.01
CA VAL A 158 -32.03 -8.60 -10.41
C VAL A 158 -30.66 -9.26 -10.48
N THR A 159 -30.51 -10.22 -11.39
CA THR A 159 -29.22 -10.85 -11.63
C THR A 159 -28.80 -10.58 -13.06
N VAL A 160 -27.49 -10.42 -13.25
CA VAL A 160 -26.92 -10.15 -14.56
C VAL A 160 -25.74 -11.09 -14.77
N SER A 161 -25.69 -11.69 -15.95
CA SER A 161 -24.51 -12.39 -16.42
C SER A 161 -24.23 -11.91 -17.82
N TRP A 162 -23.03 -12.22 -18.30
CA TRP A 162 -22.61 -11.84 -19.65
C TRP A 162 -22.34 -13.10 -20.45
N ASN A 163 -22.83 -13.12 -21.68
CA ASN A 163 -22.68 -14.26 -22.58
C ASN A 163 -23.00 -15.57 -21.85
N SER A 164 -24.14 -15.56 -21.16
CA SER A 164 -24.67 -16.73 -20.46
C SER A 164 -23.72 -17.27 -19.41
N GLY A 165 -22.81 -16.43 -18.92
CA GLY A 165 -21.88 -16.81 -17.87
C GLY A 165 -20.49 -17.14 -18.35
N ALA A 166 -20.27 -17.19 -19.66
CA ALA A 166 -18.93 -17.47 -20.18
C ALA A 166 -17.98 -16.30 -19.93
N LEU A 167 -18.50 -15.08 -19.88
CA LEU A 167 -17.68 -13.89 -19.70
C LEU A 167 -17.74 -13.47 -18.24
N THR A 168 -16.60 -13.52 -17.57
CA THR A 168 -16.50 -13.12 -16.18
C THR A 168 -15.34 -12.20 -15.91
N SER A 169 -14.30 -12.23 -16.75
CA SER A 169 -13.14 -11.37 -16.53
C SER A 169 -13.52 -9.91 -16.80
N GLY A 170 -13.22 -9.04 -15.83
CA GLY A 170 -13.55 -7.64 -15.95
C GLY A 170 -14.99 -7.29 -15.70
N VAL A 171 -15.82 -8.25 -15.29
CA VAL A 171 -17.24 -8.04 -15.09
C VAL A 171 -17.49 -7.51 -13.69
N HIS A 172 -18.35 -6.49 -13.60
CA HIS A 172 -18.80 -5.99 -12.30
C HIS A 172 -20.25 -5.55 -12.42
N THR A 173 -21.10 -6.11 -11.57
CA THR A 173 -22.48 -5.68 -11.45
C THR A 173 -22.62 -4.88 -10.17
N PHE A 174 -23.14 -3.67 -10.30
CA PHE A 174 -23.20 -2.75 -9.19
C PHE A 174 -24.41 -3.02 -8.30
N PRO A 175 -24.37 -2.56 -7.06
CA PRO A 175 -25.60 -2.55 -6.25
C PRO A 175 -26.63 -1.60 -6.83
N ALA A 176 -27.88 -1.86 -6.48
CA ALA A 176 -29.00 -1.09 -6.99
C ALA A 176 -29.12 0.25 -6.26
N VAL A 177 -29.58 1.27 -7.00
CA VAL A 177 -30.02 2.52 -6.40
C VAL A 177 -31.54 2.47 -6.28
N LEU A 178 -32.08 3.11 -5.24
CA LEU A 178 -33.51 3.23 -5.04
C LEU A 178 -33.89 4.68 -5.34
N GLN A 179 -34.63 4.88 -6.43
CA GLN A 179 -34.96 6.21 -6.91
C GLN A 179 -36.20 6.75 -6.22
N SER A 180 -36.40 8.06 -6.35
CA SER A 180 -37.58 8.71 -5.77
C SER A 180 -38.87 8.03 -6.22
N SER A 181 -38.87 7.45 -7.42
CA SER A 181 -40.04 6.74 -7.93
C SER A 181 -40.43 5.56 -7.06
N GLY A 182 -39.56 5.09 -6.17
CA GLY A 182 -39.77 3.83 -5.50
C GLY A 182 -39.27 2.62 -6.25
N LEU A 183 -38.67 2.81 -7.43
CA LEU A 183 -38.18 1.72 -8.25
C LEU A 183 -36.66 1.66 -8.20
N TYR A 184 -36.12 0.46 -8.39
CA TYR A 184 -34.69 0.23 -8.38
C TYR A 184 -34.10 0.28 -9.78
N SER A 185 -32.83 0.67 -9.85
CA SER A 185 -32.04 0.52 -11.06
C SER A 185 -30.65 0.03 -10.67
N LEU A 186 -30.00 -0.65 -11.62
CA LEU A 186 -28.60 -1.00 -11.46
C LEU A 186 -27.96 -1.07 -12.84
N SER A 187 -26.65 -1.19 -12.85
CA SER A 187 -25.92 -1.39 -14.09
C SER A 187 -24.89 -2.51 -13.89
N SER A 188 -24.52 -3.11 -15.02
CA SER A 188 -23.44 -4.07 -15.07
C SER A 188 -22.47 -3.64 -16.16
N VAL A 189 -21.19 -3.75 -15.88
CA VAL A 189 -20.15 -3.31 -16.80
C VAL A 189 -19.16 -4.44 -17.01
N VAL A 190 -18.52 -4.45 -18.17
CA VAL A 190 -17.41 -5.35 -18.44
C VAL A 190 -16.37 -4.59 -19.23
N THR A 191 -15.11 -4.76 -18.84
CA THR A 191 -13.97 -4.15 -19.52
C THR A 191 -13.38 -5.20 -20.46
N VAL A 192 -13.26 -4.85 -21.73
CA VAL A 192 -12.82 -5.81 -22.75
C VAL A 192 -11.69 -5.21 -23.56
N PRO A 193 -11.01 -6.00 -24.41
CA PRO A 193 -10.01 -5.42 -25.30
C PRO A 193 -10.66 -4.63 -26.43
N SER A 194 -10.06 -3.49 -26.76
CA SER A 194 -10.56 -2.69 -27.87
C SER A 194 -10.55 -3.48 -29.18
N SER A 195 -9.65 -4.46 -29.30
CA SER A 195 -9.58 -5.26 -30.52
C SER A 195 -10.77 -6.22 -30.64
N SER A 196 -11.29 -6.70 -29.51
CA SER A 196 -12.39 -7.67 -29.54
C SER A 196 -13.64 -7.11 -30.20
N LEU A 197 -13.78 -5.79 -30.27
CA LEU A 197 -14.99 -5.20 -30.83
C LEU A 197 -15.09 -5.48 -32.31
N GLY A 198 -16.31 -5.66 -32.78
CA GLY A 198 -16.54 -6.00 -34.18
C GLY A 198 -16.56 -7.48 -34.45
N THR A 199 -15.58 -8.21 -33.91
CA THR A 199 -15.53 -9.66 -34.08
C THR A 199 -16.28 -10.39 -32.98
N GLN A 200 -16.15 -9.94 -31.73
CA GLN A 200 -16.75 -10.60 -30.57
C GLN A 200 -18.08 -9.94 -30.24
N THR A 201 -19.06 -10.76 -29.87
CA THR A 201 -20.36 -10.26 -29.47
C THR A 201 -20.48 -10.30 -27.95
N TYR A 202 -21.25 -9.35 -27.40
CA TYR A 202 -21.42 -9.20 -25.97
C TYR A 202 -22.90 -9.08 -25.67
N ILE A 203 -23.42 -10.01 -24.88
CA ILE A 203 -24.82 -10.05 -24.49
C ILE A 203 -24.88 -10.06 -22.97
N CYS A 204 -25.69 -9.18 -22.41
CA CYS A 204 -25.96 -9.21 -20.97
C CYS A 204 -27.29 -9.91 -20.75
N ASN A 205 -27.30 -10.87 -19.85
CA ASN A 205 -28.46 -11.67 -19.54
C ASN A 205 -29.04 -11.19 -18.23
N VAL A 206 -30.22 -10.58 -18.28
CA VAL A 206 -30.86 -9.94 -17.13
C VAL A 206 -32.03 -10.81 -16.71
N ASN A 207 -32.10 -11.11 -15.41
CA ASN A 207 -33.17 -11.93 -14.84
C ASN A 207 -33.78 -11.18 -13.67
N HIS A 208 -35.09 -10.96 -13.72
CA HIS A 208 -35.85 -10.40 -12.60
C HIS A 208 -36.94 -11.41 -12.28
N LYS A 209 -36.65 -12.29 -11.31
CA LYS A 209 -37.59 -13.38 -11.01
C LYS A 209 -38.92 -12.86 -10.48
N PRO A 210 -38.98 -11.90 -9.56
CA PRO A 210 -40.29 -11.44 -9.06
C PRO A 210 -41.30 -11.12 -10.16
N SER A 211 -40.85 -10.70 -11.34
CA SER A 211 -41.75 -10.38 -12.44
C SER A 211 -41.70 -11.40 -13.57
N ASN A 212 -40.96 -12.50 -13.39
CA ASN A 212 -40.81 -13.49 -14.45
C ASN A 212 -40.33 -12.85 -15.75
N THR A 213 -39.29 -12.02 -15.63
CA THR A 213 -38.73 -11.29 -16.76
C THR A 213 -37.31 -11.78 -17.02
N LYS A 214 -37.05 -12.15 -18.27
CA LYS A 214 -35.71 -12.52 -18.72
C LYS A 214 -35.43 -11.77 -20.01
N VAL A 215 -34.33 -11.01 -20.03
CA VAL A 215 -33.96 -10.18 -21.16
C VAL A 215 -32.51 -10.47 -21.50
N ASP A 216 -32.25 -10.74 -22.78
CA ASP A 216 -30.90 -10.78 -23.31
C ASP A 216 -30.74 -9.59 -24.26
N LYS A 217 -29.74 -8.76 -23.98
CA LYS A 217 -29.51 -7.53 -24.73
C LYS A 217 -28.13 -7.58 -25.36
N ARG A 218 -28.08 -7.49 -26.68
CA ARG A 218 -26.80 -7.38 -27.37
C ARG A 218 -26.29 -5.97 -27.26
N VAL A 219 -25.05 -5.83 -26.79
CA VAL A 219 -24.44 -4.52 -26.59
C VAL A 219 -23.45 -4.31 -27.73
N GLU A 220 -23.79 -3.42 -28.66
CA GLU A 220 -23.00 -3.24 -29.87
C GLU A 220 -22.32 -1.88 -29.87
N PRO A 221 -21.10 -1.78 -30.39
CA PRO A 221 -20.50 -0.45 -30.58
C PRO A 221 -21.37 0.44 -31.45
N LYS A 222 -21.18 1.74 -31.30
CA LYS A 222 -22.07 2.74 -31.85
C LYS A 222 -21.37 3.59 -32.89
N SER A 223 -22.16 4.10 -33.84
CA SER A 223 -21.74 5.13 -34.80
C SER A 223 -22.67 5.10 -36.02
N PCA B 1 -32.27 13.79 20.84
CA PCA B 1 -31.87 12.45 21.37
CB PCA B 1 -32.34 11.34 20.43
CG PCA B 1 -32.46 12.02 19.08
CD PCA B 1 -32.61 13.47 19.44
OE PCA B 1 -32.99 14.31 18.63
C PCA B 1 -30.36 12.38 21.42
O PCA B 1 -29.68 13.14 20.73
H PCA B 1 -33.16 13.89 20.94
HA PCA B 1 -32.25 12.31 22.26
HB2 PCA B 1 -33.19 10.97 20.74
HB3 PCA B 1 -31.68 10.62 20.39
HG2 PCA B 1 -33.25 11.67 18.59
HG3 PCA B 1 -31.66 11.87 18.54
N VAL B 2 -29.83 11.48 22.24
CA VAL B 2 -28.39 11.34 22.35
C VAL B 2 -27.84 10.68 21.10
N VAL B 3 -26.67 11.14 20.70
CA VAL B 3 -25.92 10.57 19.59
C VAL B 3 -24.56 10.15 20.10
N PHE B 4 -24.12 8.96 19.70
CA PHE B 4 -22.75 8.51 19.92
C PHE B 4 -22.04 8.60 18.58
N SER B 5 -21.18 9.59 18.43
N SER B 5 -21.18 9.58 18.43
CA SER B 5 -20.58 9.93 17.15
CA SER B 5 -20.58 9.93 17.14
C SER B 5 -19.23 9.23 17.03
C SER B 5 -19.22 9.26 17.00
N GLN B 6 -19.03 8.55 15.90
CA GLN B 6 -17.77 7.91 15.56
C GLN B 6 -17.24 8.46 14.25
N PRO B 7 -15.92 8.44 14.04
CA PRO B 7 -15.39 8.74 12.72
C PRO B 7 -15.96 7.78 11.70
N HIS B 8 -16.30 8.33 10.52
CA HIS B 8 -16.89 7.51 9.47
C HIS B 8 -15.92 6.42 9.03
N SER B 9 -14.63 6.74 8.97
CA SER B 9 -13.63 5.82 8.44
C SER B 9 -12.34 5.98 9.23
N VAL B 10 -11.62 4.87 9.38
N VAL B 10 -11.64 4.86 9.38
CA VAL B 10 -10.28 4.87 9.92
CA VAL B 10 -10.28 4.85 9.92
C VAL B 10 -9.47 3.83 9.14
C VAL B 10 -9.49 3.85 9.09
N SER B 11 -8.20 4.12 8.94
CA SER B 11 -7.32 3.22 8.20
C SER B 11 -5.98 3.09 8.90
N GLY B 12 -5.36 1.92 8.73
CA GLY B 12 -4.01 1.70 9.19
C GLY B 12 -3.36 0.60 8.40
N SER B 13 -2.05 0.49 8.56
CA SER B 13 -1.31 -0.58 7.91
C SER B 13 -1.11 -1.74 8.87
N PRO B 14 -0.86 -2.94 8.36
CA PRO B 14 -0.63 -4.08 9.25
C PRO B 14 0.43 -3.76 10.29
N GLY B 15 0.20 -4.24 11.52
CA GLY B 15 1.11 -4.05 12.62
C GLY B 15 0.95 -2.74 13.35
N GLN B 16 0.27 -1.76 12.76
CA GLN B 16 0.12 -0.45 13.39
C GLN B 16 -0.96 -0.49 14.47
N THR B 17 -1.01 0.56 15.27
CA THR B 17 -2.07 0.77 16.24
C THR B 17 -3.05 1.80 15.69
N VAL B 18 -4.33 1.49 15.75
CA VAL B 18 -5.37 2.43 15.35
C VAL B 18 -6.33 2.61 16.52
N THR B 19 -6.96 3.77 16.57
CA THR B 19 -7.93 4.09 17.62
C THR B 19 -9.23 4.57 16.99
N ILE B 20 -10.35 4.11 17.55
CA ILE B 20 -11.69 4.50 17.12
C ILE B 20 -12.38 5.15 18.30
N SER B 21 -12.80 6.40 18.14
CA SER B 21 -13.44 7.15 19.21
C SER B 21 -14.96 7.08 19.08
N CYS B 22 -15.62 7.37 20.21
CA CYS B 22 -17.06 7.33 20.34
C CYS B 22 -17.44 8.45 21.29
N THR B 23 -18.00 9.54 20.77
CA THR B 23 -18.22 10.76 21.55
C THR B 23 -19.72 10.92 21.80
N ARG B 24 -20.09 10.96 23.08
CA ARG B 24 -21.48 11.08 23.47
C ARG B 24 -21.89 12.54 23.41
N SER B 25 -23.02 12.81 22.74
CA SER B 25 -23.40 14.19 22.44
C SER B 25 -24.00 14.90 23.65
N SER B 26 -24.66 14.16 24.54
CA SER B 26 -25.34 14.75 25.68
C SER B 26 -25.22 13.80 26.87
N GLY B 27 -25.35 14.37 28.06
CA GLY B 27 -25.15 13.57 29.26
C GLY B 27 -23.66 13.28 29.45
N SER B 28 -23.39 12.30 30.31
CA SER B 28 -22.04 11.91 30.65
C SER B 28 -21.75 10.51 30.13
N ILE B 29 -20.59 10.34 29.49
CA ILE B 29 -20.18 9.04 28.97
C ILE B 29 -20.12 8.01 30.10
N ASP B 30 -19.82 8.44 31.33
CA ASP B 30 -19.70 7.54 32.46
C ASP B 30 -21.05 7.14 33.06
N ASN B 31 -22.16 7.66 32.57
CA ASN B 31 -23.46 7.30 33.12
C ASN B 31 -23.79 5.82 32.87
N GLU B 32 -23.25 5.22 31.80
CA GLU B 32 -23.58 3.86 31.42
C GLU B 32 -22.38 3.20 30.78
N TYR B 33 -22.31 1.88 30.89
CA TYR B 33 -21.24 1.14 30.24
C TYR B 33 -21.24 1.40 28.74
N VAL B 34 -20.03 1.40 28.17
CA VAL B 34 -19.86 1.41 26.72
C VAL B 34 -19.45 0.01 26.28
N ARG B 35 -19.99 -0.43 25.16
CA ARG B 35 -19.65 -1.71 24.54
C ARG B 35 -19.15 -1.44 23.12
N TRP B 36 -18.41 -2.41 22.59
CA TRP B 36 -17.93 -2.32 21.21
C TRP B 36 -18.22 -3.64 20.51
N TYR B 37 -18.70 -3.52 19.27
CA TYR B 37 -18.99 -4.66 18.42
C TYR B 37 -18.22 -4.56 17.12
N GLN B 38 -17.84 -5.72 16.60
CA GLN B 38 -17.18 -5.85 15.31
C GLN B 38 -18.14 -6.48 14.33
N GLN B 39 -18.27 -5.91 13.15
CA GLN B 39 -19.10 -6.49 12.09
C GLN B 39 -18.23 -6.61 10.84
N ARG B 40 -17.78 -7.82 10.56
CA ARG B 40 -17.03 -8.08 9.35
C ARG B 40 -17.98 -8.10 8.15
N PRO B 41 -17.45 -7.95 6.94
CA PRO B 41 -18.30 -7.94 5.75
C PRO B 41 -19.15 -9.20 5.63
N GLY B 42 -20.47 -9.00 5.48
CA GLY B 42 -21.39 -10.09 5.26
C GLY B 42 -21.66 -10.99 6.46
N SER B 43 -21.21 -10.61 7.65
CA SER B 43 -21.40 -11.42 8.86
C SER B 43 -22.10 -10.59 9.94
N VAL B 44 -22.54 -11.27 10.99
CA VAL B 44 -23.27 -10.60 12.07
C VAL B 44 -22.28 -10.00 13.05
N PRO B 45 -22.67 -8.99 13.83
CA PRO B 45 -21.73 -8.41 14.80
C PRO B 45 -21.36 -9.41 15.89
N THR B 46 -20.18 -9.20 16.46
CA THR B 46 -19.74 -9.90 17.67
C THR B 46 -19.19 -8.88 18.67
N ILE B 47 -19.17 -9.28 19.95
CA ILE B 47 -18.65 -8.43 21.00
C ILE B 47 -17.13 -8.42 20.95
N VAL B 48 -16.56 -7.22 20.95
N VAL B 48 -16.53 -7.23 21.01
CA VAL B 48 -15.14 -7.02 21.19
CA VAL B 48 -15.10 -7.12 21.24
C VAL B 48 -14.89 -6.62 22.64
C VAL B 48 -14.78 -6.51 22.61
N ILE B 49 -15.66 -5.66 23.13
CA ILE B 49 -15.47 -5.06 24.45
C ILE B 49 -16.85 -4.87 25.04
N TYR B 50 -17.00 -5.22 26.32
CA TYR B 50 -18.19 -4.87 27.08
C TYR B 50 -17.76 -4.34 28.44
N LYS B 51 -18.69 -3.70 29.14
CA LYS B 51 -18.40 -3.06 30.43
C LYS B 51 -17.16 -2.16 30.34
N ASP B 52 -17.15 -1.31 29.31
CA ASP B 52 -16.12 -0.29 29.08
C ASP B 52 -14.80 -0.86 28.58
N ASN B 53 -14.29 -1.92 29.24
CA ASN B 53 -12.95 -2.38 28.89
C ASN B 53 -12.74 -3.88 29.08
N GLN B 54 -13.80 -4.67 29.19
CA GLN B 54 -13.65 -6.12 29.37
C GLN B 54 -13.73 -6.83 28.02
N ARG B 55 -12.85 -7.82 27.83
CA ARG B 55 -12.87 -8.63 26.62
C ARG B 55 -13.51 -9.97 26.90
N PRO B 56 -14.49 -10.41 26.11
CA PRO B 56 -14.91 -11.81 26.21
C PRO B 56 -13.75 -12.74 25.90
N SER B 57 -13.80 -13.93 26.48
CA SER B 57 -12.87 -14.98 26.10
C SER B 57 -12.87 -15.15 24.59
N GLY B 58 -11.67 -15.25 24.02
CA GLY B 58 -11.51 -15.41 22.59
C GLY B 58 -11.19 -14.12 21.85
N VAL B 59 -11.48 -12.97 22.44
CA VAL B 59 -11.13 -11.70 21.81
C VAL B 59 -9.66 -11.42 22.12
N PRO B 60 -8.80 -11.25 21.11
CA PRO B 60 -7.37 -11.05 21.38
C PRO B 60 -7.11 -9.82 22.25
N ASP B 61 -6.00 -9.87 22.99
CA ASP B 61 -5.61 -8.79 23.88
C ASP B 61 -5.21 -7.52 23.14
N ARG B 62 -5.03 -7.57 21.83
CA ARG B 62 -4.68 -6.35 21.10
C ARG B 62 -5.87 -5.40 20.96
N PHE B 63 -7.09 -5.85 21.29
CA PHE B 63 -8.25 -4.97 21.42
C PHE B 63 -8.35 -4.48 22.86
N SER B 64 -8.50 -3.18 23.03
CA SER B 64 -8.74 -2.65 24.37
C SER B 64 -9.67 -1.45 24.30
N GLY B 65 -10.46 -1.27 25.34
CA GLY B 65 -11.38 -0.17 25.44
C GLY B 65 -11.00 0.74 26.59
N SER B 66 -11.34 2.02 26.45
CA SER B 66 -11.09 3.00 27.50
C SER B 66 -12.18 4.06 27.47
N ILE B 67 -12.25 4.83 28.56
CA ILE B 67 -13.18 5.93 28.72
C ILE B 67 -12.38 7.19 29.03
N ASP B 68 -12.76 8.31 28.42
CA ASP B 68 -12.14 9.61 28.67
C ASP B 68 -13.24 10.59 29.09
N SER B 69 -13.41 10.80 30.39
CA SER B 69 -14.46 11.67 30.88
C SER B 69 -14.33 13.09 30.33
N SER B 70 -13.09 13.58 30.21
CA SER B 70 -12.89 14.99 29.87
C SER B 70 -13.36 15.31 28.46
N SER B 71 -13.38 14.32 27.57
CA SER B 71 -13.90 14.51 26.21
C SER B 71 -15.26 13.84 26.02
N ASN B 72 -15.84 13.29 27.08
CA ASN B 72 -17.13 12.61 27.02
C ASN B 72 -17.11 11.53 25.93
N SER B 73 -16.03 10.73 25.92
CA SER B 73 -15.80 9.79 24.83
C SER B 73 -15.30 8.46 25.36
N ALA B 74 -15.52 7.43 24.55
CA ALA B 74 -14.97 6.10 24.73
C ALA B 74 -14.12 5.78 23.51
N SER B 75 -13.13 4.91 23.67
CA SER B 75 -12.25 4.58 22.57
C SER B 75 -11.92 3.10 22.54
N LEU B 76 -11.87 2.57 21.32
CA LEU B 76 -11.42 1.22 21.03
C LEU B 76 -10.05 1.32 20.36
N ALA B 77 -9.04 0.74 21.00
CA ALA B 77 -7.69 0.69 20.44
C ALA B 77 -7.42 -0.72 19.95
N ILE B 78 -6.90 -0.83 18.73
CA ILE B 78 -6.46 -2.08 18.15
C ILE B 78 -4.96 -1.95 17.89
N SER B 79 -4.16 -2.69 18.65
N SER B 79 -4.16 -2.69 18.65
CA SER B 79 -2.73 -2.75 18.40
CA SER B 79 -2.73 -2.75 18.40
C SER B 79 -2.43 -3.91 17.47
C SER B 79 -2.42 -3.92 17.49
N GLY B 80 -1.24 -3.88 16.87
CA GLY B 80 -0.80 -4.96 16.01
C GLY B 80 -1.84 -5.33 14.95
N LEU B 81 -2.32 -4.33 14.22
CA LEU B 81 -3.39 -4.52 13.25
C LEU B 81 -3.11 -5.72 12.34
N GLN B 82 -4.12 -6.57 12.20
CA GLN B 82 -4.04 -7.74 11.33
C GLN B 82 -5.13 -7.65 10.26
N SER B 83 -4.91 -8.38 9.16
CA SER B 83 -5.81 -8.32 8.02
C SER B 83 -7.25 -8.55 8.41
N GLU B 84 -7.50 -9.55 9.26
CA GLU B 84 -8.86 -9.90 9.66
C GLU B 84 -9.54 -8.82 10.47
N ASP B 85 -8.81 -7.79 10.91
CA ASP B 85 -9.44 -6.70 11.65
C ASP B 85 -10.23 -5.75 10.77
N GLU B 86 -10.15 -5.89 9.44
CA GLU B 86 -10.92 -5.04 8.55
C GLU B 86 -12.41 -5.34 8.74
N ALA B 87 -13.14 -4.35 9.23
CA ALA B 87 -14.50 -4.57 9.70
C ALA B 87 -15.11 -3.20 9.99
N ASP B 88 -16.43 -3.20 10.21
CA ASP B 88 -17.09 -2.06 10.80
C ASP B 88 -17.14 -2.25 12.32
N TYR B 89 -16.94 -1.17 13.05
CA TYR B 89 -16.94 -1.20 14.51
C TYR B 89 -17.99 -0.21 15.01
N TYR B 90 -18.80 -0.66 15.96
CA TYR B 90 -19.87 0.15 16.54
C TYR B 90 -19.69 0.22 18.05
N CYS B 91 -19.73 1.42 18.60
CA CYS B 91 -19.93 1.51 20.03
C CYS B 91 -21.41 1.42 20.35
N GLN B 92 -21.70 1.17 21.62
CA GLN B 92 -23.06 0.95 22.08
C GLN B 92 -23.15 1.34 23.54
N SER B 93 -24.19 2.07 23.89
CA SER B 93 -24.44 2.40 25.30
C SER B 93 -25.95 2.52 25.48
N SER B 94 -26.40 3.39 26.40
CA SER B 94 -27.82 3.64 26.56
C SER B 94 -28.01 5.08 27.00
N ASP B 95 -29.26 5.56 26.90
CA ASP B 95 -29.60 6.97 27.03
C ASP B 95 -30.43 7.20 28.31
N ASP B 96 -30.95 8.42 28.43
CA ASP B 96 -31.61 8.82 29.68
C ASP B 96 -32.87 8.00 29.95
N ASN B 97 -33.49 7.46 28.91
CA ASN B 97 -34.67 6.62 29.04
C ASN B 97 -34.34 5.12 29.12
N PHE B 98 -33.06 4.77 29.27
CA PHE B 98 -32.62 3.38 29.36
C PHE B 98 -32.93 2.60 28.09
N ASN B 99 -32.97 3.29 26.95
CA ASN B 99 -32.95 2.63 25.65
C ASN B 99 -31.52 2.47 25.20
N TRP B 100 -31.19 1.32 24.64
CA TRP B 100 -29.85 1.12 24.11
C TRP B 100 -29.68 1.91 22.82
N VAL B 101 -28.45 2.33 22.56
CA VAL B 101 -28.15 3.18 21.41
C VAL B 101 -26.79 2.78 20.85
N PHE B 102 -26.73 2.52 19.56
CA PHE B 102 -25.47 2.29 18.86
C PHE B 102 -24.90 3.59 18.32
N GLY B 103 -23.58 3.68 18.31
CA GLY B 103 -22.91 4.71 17.57
C GLY B 103 -23.12 4.54 16.07
N GLY B 104 -22.75 5.59 15.32
CA GLY B 104 -22.93 5.57 13.88
C GLY B 104 -22.07 4.56 13.16
N GLY B 105 -21.04 4.05 13.81
CA GLY B 105 -20.21 3.04 13.18
C GLY B 105 -19.00 3.62 12.47
N THR B 106 -17.95 2.82 12.40
CA THR B 106 -16.69 3.20 11.77
C THR B 106 -16.27 2.06 10.86
N ARG B 107 -15.91 2.38 9.62
CA ARG B 107 -15.36 1.39 8.70
C ARG B 107 -13.84 1.43 8.82
N LEU B 108 -13.24 0.33 9.25
CA LEU B 108 -11.79 0.25 9.42
C LEU B 108 -11.19 -0.47 8.22
N THR B 109 -10.29 0.19 7.52
N THR B 109 -10.30 0.20 7.51
CA THR B 109 -9.57 -0.39 6.40
CA THR B 109 -9.56 -0.39 6.40
C THR B 109 -8.15 -0.74 6.83
C THR B 109 -8.16 -0.74 6.83
N VAL B 110 -7.70 -1.94 6.47
CA VAL B 110 -6.32 -2.35 6.66
C VAL B 110 -5.66 -2.23 5.29
N LEU B 111 -4.77 -1.25 5.17
CA LEU B 111 -4.22 -0.87 3.87
C LEU B 111 -3.27 -1.93 3.38
N ARG B 112 -3.62 -2.57 2.25
CA ARG B 112 -2.86 -3.73 1.82
C ARG B 112 -2.67 -3.82 0.30
N GLN B 113 -2.81 -2.72 -0.43
CA GLN B 113 -2.53 -2.76 -1.85
C GLN B 113 -2.07 -1.40 -2.32
N PRO B 114 -1.53 -1.31 -3.53
CA PRO B 114 -1.10 -0.02 -4.06
C PRO B 114 -2.26 0.95 -4.23
N LYS B 115 -1.98 2.22 -4.00
CA LYS B 115 -2.92 3.29 -4.34
C LYS B 115 -3.21 3.25 -5.84
N ALA B 116 -4.50 3.36 -6.19
CA ALA B 116 -4.92 3.27 -7.58
C ALA B 116 -5.99 4.33 -7.84
N ALA B 117 -5.73 5.20 -8.80
CA ALA B 117 -6.70 6.23 -9.14
C ALA B 117 -7.83 5.62 -9.96
N PRO B 118 -9.03 6.17 -9.87
CA PRO B 118 -10.17 5.55 -10.56
C PRO B 118 -10.09 5.72 -12.07
N SER B 119 -10.58 4.70 -12.77
CA SER B 119 -10.87 4.81 -14.19
C SER B 119 -12.35 5.18 -14.31
N VAL B 120 -12.63 6.25 -15.06
CA VAL B 120 -13.99 6.76 -15.19
C VAL B 120 -14.44 6.59 -16.63
N THR B 121 -15.61 5.99 -16.81
CA THR B 121 -16.26 5.92 -18.11
C THR B 121 -17.65 6.54 -17.98
N LEU B 122 -17.93 7.54 -18.81
CA LEU B 122 -19.22 8.21 -18.82
C LEU B 122 -19.99 7.79 -20.07
N PHE B 123 -21.14 7.15 -19.87
CA PHE B 123 -22.01 6.76 -20.98
C PHE B 123 -23.11 7.77 -21.16
N PRO B 124 -23.38 8.22 -22.39
CA PRO B 124 -24.56 9.06 -22.64
C PRO B 124 -25.81 8.22 -22.70
N PRO B 125 -26.99 8.84 -22.72
CA PRO B 125 -28.22 8.06 -22.85
C PRO B 125 -28.19 7.26 -24.14
N SER B 126 -28.70 6.04 -24.09
CA SER B 126 -28.70 5.21 -25.29
C SER B 126 -29.81 5.69 -26.23
N SER B 127 -29.65 5.35 -27.52
CA SER B 127 -30.72 5.63 -28.47
C SER B 127 -32.02 5.01 -28.01
N GLU B 128 -31.97 3.73 -27.60
CA GLU B 128 -33.16 3.06 -27.12
C GLU B 128 -33.84 3.81 -25.99
N GLU B 129 -33.07 4.30 -25.02
CA GLU B 129 -33.70 4.98 -23.88
C GLU B 129 -34.35 6.29 -24.32
N LEU B 130 -33.70 7.01 -25.22
CA LEU B 130 -34.26 8.27 -25.70
C LEU B 130 -35.56 8.04 -26.46
N GLN B 131 -35.63 6.97 -27.26
CA GLN B 131 -36.87 6.61 -27.93
C GLN B 131 -37.97 6.28 -26.93
N ALA B 132 -37.62 5.88 -25.71
CA ALA B 132 -38.59 5.67 -24.65
C ALA B 132 -38.87 6.95 -23.88
N ASN B 133 -38.40 8.10 -24.37
CA ASN B 133 -38.63 9.39 -23.73
C ASN B 133 -37.97 9.50 -22.36
N LYS B 134 -36.83 8.83 -22.20
CA LYS B 134 -36.04 8.92 -20.97
C LYS B 134 -34.59 9.17 -21.35
N ALA B 135 -33.81 9.62 -20.36
CA ALA B 135 -32.39 9.89 -20.57
C ALA B 135 -31.67 9.70 -19.26
N THR B 136 -30.71 8.78 -19.22
CA THR B 136 -29.91 8.52 -18.03
C THR B 136 -28.46 8.57 -18.44
N LEU B 137 -27.67 9.40 -17.77
CA LEU B 137 -26.23 9.39 -17.90
C LEU B 137 -25.68 8.45 -16.84
N VAL B 138 -24.73 7.60 -17.24
CA VAL B 138 -24.18 6.57 -16.36
C VAL B 138 -22.69 6.77 -16.25
N CYS B 139 -22.22 7.06 -15.04
CA CYS B 139 -20.80 7.29 -14.77
C CYS B 139 -20.32 6.08 -13.98
N LEU B 140 -19.49 5.26 -14.59
CA LEU B 140 -18.97 4.06 -13.95
C LEU B 140 -17.53 4.31 -13.54
N ILE B 141 -17.23 4.01 -12.28
CA ILE B 141 -15.95 4.35 -11.67
C ILE B 141 -15.33 3.05 -11.18
N SER B 142 -14.13 2.72 -11.66
CA SER B 142 -13.60 1.38 -11.44
C SER B 142 -12.13 1.40 -11.06
N ASP B 143 -11.70 0.30 -10.44
CA ASP B 143 -10.28 0.00 -10.23
C ASP B 143 -9.57 1.04 -9.38
N PHE B 144 -10.18 1.48 -8.28
CA PHE B 144 -9.50 2.43 -7.42
C PHE B 144 -9.28 1.84 -6.02
N TYR B 145 -8.33 2.44 -5.31
CA TYR B 145 -7.95 2.04 -3.95
C TYR B 145 -7.20 3.19 -3.31
N PRO B 146 -7.53 3.54 -2.05
CA PRO B 146 -8.56 2.97 -1.17
C PRO B 146 -9.97 3.22 -1.69
N GLY B 147 -10.96 2.64 -1.03
CA GLY B 147 -12.32 2.59 -1.56
C GLY B 147 -13.21 3.75 -1.16
N ALA B 148 -12.78 4.98 -1.44
CA ALA B 148 -13.56 6.17 -1.14
C ALA B 148 -13.43 7.17 -2.27
N VAL B 149 -14.57 7.63 -2.79
CA VAL B 149 -14.61 8.65 -3.83
C VAL B 149 -15.81 9.56 -3.57
N THR B 150 -15.75 10.76 -4.14
CA THR B 150 -16.90 11.63 -4.24
C THR B 150 -17.12 11.98 -5.70
N VAL B 151 -18.37 12.11 -6.08
CA VAL B 151 -18.77 12.31 -7.47
C VAL B 151 -19.52 13.62 -7.58
N ALA B 152 -19.22 14.38 -8.61
CA ALA B 152 -19.88 15.65 -8.88
C ALA B 152 -20.27 15.70 -10.35
N TRP B 153 -21.49 16.14 -10.62
CA TRP B 153 -22.02 16.25 -11.97
C TRP B 153 -22.15 17.72 -12.37
N LYS B 154 -21.88 18.00 -13.65
CA LYS B 154 -22.02 19.35 -14.18
C LYS B 154 -22.78 19.31 -15.49
N ALA B 155 -23.65 20.30 -15.67
CA ALA B 155 -24.30 20.58 -16.94
C ALA B 155 -23.64 21.84 -17.49
N ASP B 156 -22.91 21.68 -18.59
CA ASP B 156 -21.94 22.68 -19.01
C ASP B 156 -21.00 22.95 -17.84
N SER B 157 -20.97 24.17 -17.30
CA SER B 157 -20.13 24.46 -16.15
C SER B 157 -20.87 24.39 -14.84
N SER B 158 -22.18 24.24 -14.86
CA SER B 158 -22.93 24.48 -13.63
C SER B 158 -23.20 23.17 -12.89
N PRO B 159 -23.13 23.19 -11.56
CA PRO B 159 -23.40 21.95 -10.81
C PRO B 159 -24.81 21.44 -11.04
N VAL B 160 -24.95 20.12 -11.03
CA VAL B 160 -26.24 19.45 -11.08
C VAL B 160 -26.37 18.66 -9.78
N LYS B 161 -27.36 19.04 -8.97
CA LYS B 161 -27.60 18.40 -7.68
C LYS B 161 -29.03 17.90 -7.57
N ALA B 162 -29.69 17.66 -8.70
CA ALA B 162 -30.98 17.02 -8.73
C ALA B 162 -30.90 15.83 -9.68
N GLY B 163 -31.65 14.78 -9.38
CA GLY B 163 -31.68 13.62 -10.24
C GLY B 163 -30.42 12.77 -10.21
N VAL B 164 -29.61 12.90 -9.16
CA VAL B 164 -28.35 12.16 -9.03
C VAL B 164 -28.55 11.00 -8.05
N GLU B 165 -28.11 9.81 -8.43
CA GLU B 165 -28.05 8.66 -7.53
C GLU B 165 -26.66 8.02 -7.66
N THR B 166 -26.06 7.68 -6.51
CA THR B 166 -24.69 7.19 -6.47
C THR B 166 -24.60 6.01 -5.52
N THR B 167 -23.90 4.96 -5.93
CA THR B 167 -23.70 3.78 -5.10
C THR B 167 -22.43 3.92 -4.26
N THR B 168 -22.46 3.29 -3.09
CA THR B 168 -21.28 3.23 -2.23
C THR B 168 -20.25 2.28 -2.85
N PRO B 169 -18.96 2.64 -2.83
CA PRO B 169 -17.96 1.75 -3.43
C PRO B 169 -18.03 0.33 -2.88
N SER B 170 -17.90 -0.63 -3.78
CA SER B 170 -17.90 -2.06 -3.45
C SER B 170 -16.70 -2.71 -4.11
N LYS B 171 -16.28 -3.85 -3.55
CA LYS B 171 -15.10 -4.54 -4.06
C LYS B 171 -15.38 -5.21 -5.40
N GLN B 172 -14.42 -5.09 -6.32
CA GLN B 172 -14.44 -5.83 -7.56
C GLN B 172 -13.82 -7.22 -7.35
N SER B 173 -13.88 -8.04 -8.42
CA SER B 173 -13.27 -9.37 -8.36
C SER B 173 -11.78 -9.29 -8.08
N ASN B 174 -11.10 -8.29 -8.64
CA ASN B 174 -9.66 -8.10 -8.48
C ASN B 174 -9.31 -7.36 -7.19
N ASN B 175 -10.27 -7.21 -6.27
CA ASN B 175 -10.10 -6.62 -4.95
C ASN B 175 -9.88 -5.11 -4.97
N LYS B 176 -9.96 -4.47 -6.13
N LYS B 176 -9.96 -4.47 -6.13
CA LYS B 176 -10.06 -3.03 -6.17
CA LYS B 176 -10.08 -3.02 -6.17
C LYS B 176 -11.50 -2.63 -5.84
C LYS B 176 -11.54 -2.63 -6.03
N TYR B 177 -11.78 -1.32 -5.89
CA TYR B 177 -13.12 -0.80 -5.64
C TYR B 177 -13.72 -0.23 -6.91
N ALA B 178 -15.05 -0.24 -6.98
CA ALA B 178 -15.79 0.37 -8.07
C ALA B 178 -16.99 1.09 -7.47
N ALA B 179 -17.49 2.07 -8.22
CA ALA B 179 -18.68 2.78 -7.82
C ALA B 179 -19.38 3.27 -9.08
N SER B 180 -20.65 3.64 -8.94
CA SER B 180 -21.43 4.10 -10.07
C SER B 180 -22.28 5.29 -9.65
N SER B 181 -22.59 6.14 -10.62
CA SER B 181 -23.42 7.31 -10.38
C SER B 181 -24.30 7.52 -11.59
N TYR B 182 -25.53 7.97 -11.36
CA TYR B 182 -26.53 8.15 -12.40
C TYR B 182 -27.05 9.58 -12.35
N LEU B 183 -27.16 10.21 -13.52
CA LEU B 183 -27.86 11.48 -13.67
C LEU B 183 -29.07 11.23 -14.56
N SER B 184 -30.27 11.35 -13.98
CA SER B 184 -31.51 11.15 -14.72
C SER B 184 -32.03 12.50 -15.23
N LEU B 185 -32.27 12.57 -16.54
CA LEU B 185 -32.69 13.79 -17.20
C LEU B 185 -33.90 13.51 -18.09
N THR B 186 -34.56 14.59 -18.53
CA THR B 186 -35.48 14.49 -19.65
C THR B 186 -34.69 14.53 -20.96
N PRO B 187 -35.22 13.95 -22.03
CA PRO B 187 -34.55 14.11 -23.33
C PRO B 187 -34.33 15.56 -23.70
N GLU B 188 -35.26 16.45 -23.33
CA GLU B 188 -35.10 17.86 -23.67
C GLU B 188 -34.02 18.50 -22.82
N GLN B 189 -33.96 18.17 -21.53
CA GLN B 189 -32.84 18.57 -20.69
C GLN B 189 -31.51 18.12 -21.30
N TRP B 190 -31.44 16.84 -21.67
CA TRP B 190 -30.23 16.30 -22.29
C TRP B 190 -29.82 17.12 -23.51
N LYS B 191 -30.74 17.31 -24.45
CA LYS B 191 -30.42 17.98 -25.71
C LYS B 191 -30.15 19.48 -25.55
N SER B 192 -30.47 20.07 -24.39
CA SER B 192 -30.45 21.51 -24.22
C SER B 192 -29.16 22.03 -23.59
N HIS B 193 -28.16 21.18 -23.39
CA HIS B 193 -26.86 21.61 -22.89
C HIS B 193 -25.78 21.20 -23.87
N ARG B 194 -24.68 21.95 -23.85
CA ARG B 194 -23.58 21.64 -24.76
C ARG B 194 -22.80 20.41 -24.29
N SER B 195 -22.68 20.22 -22.98
CA SER B 195 -21.99 19.05 -22.48
C SER B 195 -22.42 18.77 -21.05
N TYR B 196 -22.16 17.52 -20.64
CA TYR B 196 -22.28 17.10 -19.25
C TYR B 196 -20.97 16.45 -18.82
N SER B 197 -20.62 16.62 -17.55
CA SER B 197 -19.41 16.05 -17.00
C SER B 197 -19.71 15.29 -15.72
N CYS B 198 -19.02 14.16 -15.57
N CYS B 198 -19.00 14.17 -15.50
CA CYS B 198 -18.88 13.46 -14.30
CA CYS B 198 -19.00 13.49 -14.20
C CYS B 198 -17.48 13.77 -13.79
C CYS B 198 -17.57 13.52 -13.65
N GLN B 199 -17.38 14.24 -12.55
CA GLN B 199 -16.08 14.48 -11.94
C GLN B 199 -15.95 13.63 -10.69
N VAL B 200 -14.88 12.86 -10.63
CA VAL B 200 -14.65 11.90 -9.56
C VAL B 200 -13.39 12.34 -8.82
N THR B 201 -13.52 12.54 -7.51
CA THR B 201 -12.39 12.95 -6.69
C THR B 201 -11.97 11.78 -5.81
N HIS B 202 -10.68 11.45 -5.89
CA HIS B 202 -10.10 10.33 -5.12
C HIS B 202 -8.83 10.84 -4.46
N GLU B 203 -8.81 10.81 -3.13
CA GLU B 203 -7.61 11.19 -2.37
C GLU B 203 -7.09 12.55 -2.81
N GLY B 204 -8.00 13.49 -3.03
CA GLY B 204 -7.64 14.86 -3.38
C GLY B 204 -7.41 15.13 -4.86
N SER B 205 -7.38 14.10 -5.70
CA SER B 205 -7.19 14.27 -7.14
C SER B 205 -8.51 14.02 -7.88
N THR B 206 -8.79 14.83 -8.89
CA THR B 206 -10.07 14.80 -9.59
C THR B 206 -9.89 14.26 -11.00
N VAL B 207 -10.69 13.27 -11.34
CA VAL B 207 -10.78 12.73 -12.70
C VAL B 207 -12.12 13.15 -13.29
N GLU B 208 -12.09 13.60 -14.54
CA GLU B 208 -13.28 14.12 -15.19
C GLU B 208 -13.48 13.44 -16.54
N LYS B 209 -14.74 13.09 -16.84
CA LYS B 209 -15.15 12.69 -18.18
C LYS B 209 -16.35 13.53 -18.60
N THR B 210 -16.43 13.79 -19.91
CA THR B 210 -17.46 14.65 -20.47
C THR B 210 -18.10 13.98 -21.68
N VAL B 211 -19.42 14.15 -21.82
CA VAL B 211 -20.16 13.74 -23.01
C VAL B 211 -20.94 14.95 -23.51
N ALA B 212 -21.32 14.89 -24.79
CA ALA B 212 -22.05 15.99 -25.43
C ALA B 212 -23.20 15.43 -26.26
N PRO B 213 -24.39 16.05 -26.20
CA PRO B 213 -25.54 15.50 -26.96
C PRO B 213 -25.25 15.31 -28.44
N THR B 214 -24.50 16.22 -29.05
CA THR B 214 -24.09 16.05 -30.44
C THR B 214 -23.14 14.86 -30.57
N GLU B 215 -23.70 13.68 -30.80
CA GLU B 215 -22.91 12.46 -30.87
C GLU B 215 -21.95 12.50 -32.06
N PCA C 1 17.32 -21.91 6.96
CA PCA C 1 16.82 -21.45 8.26
CB PCA C 1 17.96 -21.28 9.27
CG PCA C 1 19.23 -21.57 8.50
CD PCA C 1 18.77 -21.94 7.13
OE PCA C 1 19.55 -22.27 6.24
C PCA C 1 16.00 -20.18 8.05
O PCA C 1 14.78 -20.24 8.17
HA PCA C 1 16.22 -22.15 8.61
HB2 PCA C 1 17.83 -21.89 10.02
HB3 PCA C 1 17.96 -20.36 9.61
HG2 PCA C 1 19.74 -22.28 8.94
HG3 PCA C 1 19.80 -20.76 8.47
N VAL C 2 16.65 -19.07 7.72
CA VAL C 2 15.92 -17.84 7.35
C VAL C 2 16.33 -17.39 5.94
N GLN C 3 15.33 -17.30 5.06
CA GLN C 3 15.49 -16.74 3.73
C GLN C 3 14.44 -15.66 3.54
N LEU C 4 14.80 -14.64 2.76
CA LEU C 4 13.92 -13.51 2.45
C LEU C 4 13.68 -13.47 0.94
N VAL C 5 12.41 -13.32 0.54
CA VAL C 5 12.05 -13.23 -0.88
C VAL C 5 11.10 -12.06 -1.07
N GLU C 6 11.49 -11.11 -1.92
CA GLU C 6 10.71 -9.91 -2.20
C GLU C 6 9.82 -10.13 -3.43
N SER C 7 8.70 -9.41 -3.46
CA SER C 7 7.78 -9.48 -4.59
C SER C 7 6.98 -8.19 -4.64
N GLY C 8 6.15 -8.07 -5.69
CA GLY C 8 5.31 -6.90 -5.87
C GLY C 8 5.96 -5.73 -6.55
N GLY C 9 7.05 -5.95 -7.28
CA GLY C 9 7.74 -4.84 -7.91
C GLY C 9 7.27 -4.61 -9.33
N GLY C 10 8.19 -4.23 -10.22
CA GLY C 10 7.87 -4.13 -11.63
C GLY C 10 7.68 -2.71 -12.10
N LEU C 11 6.89 -2.52 -13.15
CA LEU C 11 6.73 -1.22 -13.78
C LEU C 11 5.62 -0.43 -13.11
N ALA C 12 5.86 0.86 -12.90
CA ALA C 12 4.84 1.79 -12.49
C ALA C 12 5.11 3.12 -13.18
N LYS C 13 4.05 3.93 -13.33
CA LYS C 13 4.21 5.23 -13.95
C LYS C 13 4.66 6.25 -12.91
N PRO C 14 5.39 7.28 -13.32
CA PRO C 14 5.66 8.40 -12.42
C PRO C 14 4.36 8.89 -11.80
N GLY C 15 4.43 9.22 -10.52
CA GLY C 15 3.23 9.48 -9.74
C GLY C 15 2.47 8.25 -9.30
N GLY C 16 2.80 7.07 -9.86
CA GLY C 16 2.08 5.86 -9.55
C GLY C 16 2.45 5.28 -8.19
N SER C 17 2.06 4.03 -7.99
CA SER C 17 2.19 3.41 -6.68
C SER C 17 2.46 1.92 -6.84
N LEU C 18 3.29 1.39 -5.95
CA LEU C 18 3.56 -0.04 -5.86
C LEU C 18 3.53 -0.44 -4.39
N ARG C 19 3.36 -1.75 -4.14
CA ARG C 19 3.44 -2.28 -2.79
C ARG C 19 4.34 -3.51 -2.81
N LEU C 20 5.51 -3.38 -2.20
CA LEU C 20 6.45 -4.48 -2.12
C LEU C 20 6.12 -5.37 -0.93
N SER C 21 6.33 -6.66 -1.09
CA SER C 21 6.21 -7.63 -0.02
C SER C 21 7.48 -8.44 0.09
N CYS C 22 7.84 -8.81 1.32
CA CYS C 22 9.00 -9.64 1.62
C CYS C 22 8.55 -10.73 2.58
N ALA C 23 8.51 -11.96 2.11
CA ALA C 23 8.17 -13.10 2.96
C ALA C 23 9.46 -13.70 3.54
N ALA C 24 9.46 -13.90 4.85
CA ALA C 24 10.59 -14.48 5.55
C ALA C 24 10.27 -15.91 5.98
N SER C 25 11.18 -16.84 5.69
CA SER C 25 11.10 -18.19 6.22
C SER C 25 11.75 -18.24 7.60
N GLY C 26 11.61 -19.38 8.26
CA GLY C 26 12.17 -19.52 9.60
C GLY C 26 11.31 -18.88 10.68
N ILE C 27 11.91 -18.71 11.86
CA ILE C 27 11.15 -18.40 13.07
C ILE C 27 11.63 -17.15 13.81
N THR C 28 12.53 -16.37 13.23
CA THR C 28 13.06 -15.19 13.90
C THR C 28 12.29 -13.90 13.59
N PHE C 29 11.42 -13.91 12.57
CA PHE C 29 10.83 -12.66 12.08
C PHE C 29 10.25 -11.81 13.19
N SER C 30 9.52 -12.42 14.13
CA SER C 30 8.82 -11.63 15.13
C SER C 30 9.76 -10.97 16.15
N GLU C 31 11.04 -11.33 16.17
CA GLU C 31 12.03 -10.64 16.99
C GLU C 31 12.98 -9.77 16.19
N ASP C 32 12.88 -9.76 14.86
CA ASP C 32 13.80 -9.04 13.98
C ASP C 32 13.37 -7.61 13.71
N TYR C 33 14.33 -6.68 13.73
CA TYR C 33 14.18 -5.44 12.99
C TYR C 33 14.30 -5.73 11.50
N MET C 34 13.47 -5.06 10.70
CA MET C 34 13.45 -5.31 9.27
C MET C 34 13.70 -4.00 8.53
N HIS C 35 14.50 -4.09 7.47
CA HIS C 35 14.96 -2.94 6.73
C HIS C 35 14.64 -3.09 5.24
N TRP C 36 14.52 -1.96 4.57
CA TRP C 36 14.53 -1.90 3.12
C TRP C 36 15.73 -1.07 2.68
N VAL C 37 16.44 -1.59 1.68
CA VAL C 37 17.59 -0.96 1.07
C VAL C 37 17.41 -1.07 -0.44
N ARG C 38 17.82 -0.05 -1.18
CA ARG C 38 17.70 -0.10 -2.63
C ARG C 38 19.04 0.23 -3.29
N GLN C 39 19.16 -0.21 -4.54
CA GLN C 39 20.39 -0.03 -5.30
C GLN C 39 20.02 0.15 -6.76
N ALA C 40 20.24 1.34 -7.30
CA ALA C 40 20.06 1.54 -8.73
C ALA C 40 21.21 0.88 -9.48
N SER C 41 20.89 0.37 -10.67
CA SER C 41 21.88 -0.33 -11.49
C SER C 41 23.19 0.47 -11.57
N GLY C 42 24.28 -0.16 -11.15
CA GLY C 42 25.58 0.48 -11.24
C GLY C 42 25.87 1.54 -10.21
N LYS C 43 25.05 1.68 -9.18
CA LYS C 43 25.23 2.70 -8.17
C LYS C 43 25.28 2.07 -6.77
N GLY C 44 25.39 2.92 -5.76
CA GLY C 44 25.62 2.46 -4.41
C GLY C 44 24.36 2.04 -3.69
N LEU C 45 24.57 1.37 -2.55
CA LEU C 45 23.48 1.03 -1.65
C LEU C 45 22.91 2.31 -1.04
N GLU C 46 21.58 2.41 -1.05
CA GLU C 46 20.89 3.51 -0.39
C GLU C 46 19.91 2.93 0.61
N TRP C 47 20.08 3.29 1.88
CA TRP C 47 19.17 2.83 2.93
C TRP C 47 17.83 3.56 2.80
N VAL C 48 16.75 2.81 2.93
CA VAL C 48 15.40 3.33 2.69
C VAL C 48 14.62 3.51 3.99
N SER C 49 14.46 2.44 4.77
CA SER C 49 13.56 2.48 5.91
C SER C 49 13.80 1.24 6.77
N ARG C 50 13.40 1.35 8.04
CA ARG C 50 13.44 0.21 8.96
C ARG C 50 12.31 0.29 9.96
N ILE C 51 11.96 -0.87 10.51
CA ILE C 51 10.85 -0.98 11.43
C ILE C 51 11.21 -1.98 12.52
N SER C 52 10.89 -1.62 13.77
CA SER C 52 11.10 -2.51 14.90
C SER C 52 10.19 -3.72 14.82
N TYR C 53 10.54 -4.73 15.62
CA TYR C 53 9.80 -6.00 15.59
C TYR C 53 8.35 -5.83 16.02
N ASP C 54 8.05 -4.83 16.85
CA ASP C 54 6.69 -4.62 17.31
C ASP C 54 6.00 -3.45 16.61
N SER C 55 6.63 -2.89 15.58
CA SER C 55 6.10 -1.80 14.75
C SER C 55 5.96 -0.48 15.50
N ASP C 56 6.44 -0.39 16.74
CA ASP C 56 6.29 0.87 17.49
C ASP C 56 7.23 1.96 16.99
N ASN C 57 8.30 1.58 16.30
CA ASN C 57 9.27 2.55 15.80
C ASN C 57 9.57 2.29 14.34
N THR C 58 9.51 3.35 13.53
CA THR C 58 9.85 3.30 12.12
C THR C 58 10.75 4.48 11.80
N TRP C 59 11.57 4.31 10.77
CA TRP C 59 12.47 5.38 10.32
C TRP C 59 12.47 5.37 8.80
N TYR C 60 12.69 6.54 8.22
CA TYR C 60 12.67 6.70 6.76
C TYR C 60 13.82 7.59 6.33
N ALA C 61 14.50 7.20 5.25
CA ALA C 61 15.46 8.10 4.62
C ALA C 61 14.74 9.36 4.16
N ASP C 62 15.46 10.48 4.20
CA ASP C 62 14.87 11.75 3.78
C ASP C 62 14.37 11.69 2.35
N SER C 63 14.99 10.86 1.51
CA SER C 63 14.61 10.79 0.10
C SER C 63 13.28 10.08 -0.14
N VAL C 64 12.74 9.38 0.86
CA VAL C 64 11.46 8.70 0.72
C VAL C 64 10.44 9.13 1.75
N LYS C 65 10.81 9.92 2.75
CA LYS C 65 9.87 10.28 3.80
C LYS C 65 8.66 11.00 3.22
N GLY C 66 7.49 10.68 3.76
CA GLY C 66 6.24 11.25 3.28
C GLY C 66 5.65 10.53 2.09
N ARG C 67 6.42 9.72 1.38
CA ARG C 67 5.93 9.00 0.22
C ARG C 67 5.88 7.49 0.43
N PHE C 68 6.78 6.94 1.23
CA PHE C 68 6.86 5.50 1.48
C PHE C 68 6.40 5.18 2.89
N THR C 69 5.75 4.01 3.04
CA THR C 69 5.31 3.53 4.34
C THR C 69 5.75 2.09 4.50
N ILE C 70 6.46 1.81 5.58
CA ILE C 70 6.91 0.47 5.92
C ILE C 70 5.93 -0.11 6.93
N SER C 71 5.64 -1.40 6.81
CA SER C 71 4.77 -2.08 7.75
C SER C 71 5.09 -3.57 7.71
N ARG C 72 4.45 -4.31 8.60
CA ARG C 72 4.74 -5.72 8.74
C ARG C 72 3.54 -6.40 9.40
N GLU C 73 3.31 -7.65 9.02
CA GLU C 73 2.33 -8.51 9.69
C GLU C 73 3.11 -9.72 10.18
N ASN C 74 3.46 -9.72 11.48
CA ASN C 74 4.31 -10.78 12.02
C ASN C 74 3.63 -12.14 11.92
N ALA C 75 2.31 -12.18 12.07
CA ALA C 75 1.59 -13.44 11.93
C ALA C 75 1.74 -14.05 10.55
N LYS C 76 2.06 -13.25 9.54
CA LYS C 76 2.33 -13.77 8.19
C LYS C 76 3.82 -13.79 7.85
N ASN C 77 4.69 -13.40 8.78
CA ASN C 77 6.13 -13.36 8.52
C ASN C 77 6.44 -12.55 7.26
N THR C 78 5.79 -11.41 7.11
CA THR C 78 5.90 -10.63 5.90
C THR C 78 6.12 -9.16 6.22
N LEU C 79 7.02 -8.55 5.46
CA LEU C 79 7.33 -7.13 5.53
C LEU C 79 6.78 -6.45 4.29
N TYR C 80 6.36 -5.20 4.43
CA TYR C 80 5.76 -4.46 3.33
C TYR C 80 6.44 -3.12 3.15
N LEU C 81 6.42 -2.64 1.91
CA LEU C 81 6.81 -1.27 1.60
C LEU C 81 5.79 -0.72 0.62
N GLN C 82 5.00 0.24 1.09
CA GLN C 82 4.08 0.98 0.23
C GLN C 82 4.83 2.13 -0.39
N MET C 83 4.77 2.22 -1.72
CA MET C 83 5.52 3.23 -2.46
C MET C 83 4.50 4.06 -3.24
N ASP C 84 4.21 5.26 -2.74
CA ASP C 84 3.30 6.18 -3.39
C ASP C 84 4.08 7.33 -4.00
N SER C 85 3.44 8.03 -4.94
CA SER C 85 4.03 9.23 -5.54
C SER C 85 5.42 8.93 -6.10
N LEU C 86 5.50 7.86 -6.90
CA LEU C 86 6.77 7.36 -7.38
C LEU C 86 7.42 8.35 -8.34
N ARG C 87 8.76 8.42 -8.28
CA ARG C 87 9.56 9.26 -9.16
C ARG C 87 10.52 8.39 -9.96
N ALA C 88 11.05 8.96 -11.05
CA ALA C 88 12.04 8.24 -11.83
C ALA C 88 13.22 7.84 -10.97
N GLU C 89 13.59 8.67 -9.99
CA GLU C 89 14.72 8.42 -9.12
C GLU C 89 14.53 7.21 -8.22
N ASP C 90 13.33 6.63 -8.17
CA ASP C 90 13.05 5.48 -7.33
C ASP C 90 13.31 4.16 -8.04
N THR C 91 13.59 4.19 -9.33
CA THR C 91 13.96 2.98 -10.05
C THR C 91 15.21 2.37 -9.43
N ALA C 92 15.12 1.10 -9.06
CA ALA C 92 16.21 0.44 -8.37
C ALA C 92 15.79 -1.00 -8.11
N VAL C 93 16.76 -1.82 -7.74
CA VAL C 93 16.47 -3.09 -7.11
C VAL C 93 16.25 -2.85 -5.63
N TYR C 94 15.13 -3.34 -5.10
CA TYR C 94 14.80 -3.17 -3.69
C TYR C 94 15.08 -4.47 -2.94
N TYR C 95 15.82 -4.35 -1.85
CA TYR C 95 16.20 -5.49 -1.02
C TYR C 95 15.54 -5.36 0.35
N CYS C 96 15.02 -6.47 0.84
N CYS C 96 14.91 -6.42 0.82
CA CYS C 96 14.57 -6.61 2.22
CA CYS C 96 14.62 -6.49 2.23
C CYS C 96 15.67 -7.31 3.01
C CYS C 96 15.82 -7.12 2.92
N ALA C 97 16.01 -6.76 4.19
CA ALA C 97 17.14 -7.26 4.95
C ALA C 97 16.79 -7.29 6.43
N ARG C 98 17.33 -8.29 7.10
CA ARG C 98 17.09 -8.53 8.51
C ARG C 98 18.21 -7.93 9.35
N ALA C 99 17.83 -7.24 10.43
CA ALA C 99 18.77 -6.83 11.45
C ALA C 99 18.42 -7.61 12.70
N PRO C 100 19.11 -8.70 13.00
CA PRO C 100 18.66 -9.62 14.04
C PRO C 100 19.23 -9.32 15.42
N VAL C 101 18.74 -10.08 16.40
CA VAL C 101 19.12 -9.88 17.80
C VAL C 101 20.61 -10.02 17.98
N TRP C 102 21.22 -11.00 17.32
CA TRP C 102 22.62 -11.32 17.62
C TRP C 102 23.56 -10.16 17.29
N THR C 103 23.19 -9.30 16.33
CA THR C 103 23.98 -8.11 16.03
C THR C 103 23.60 -6.94 16.92
N GLY C 104 22.70 -7.14 17.89
CA GLY C 104 22.16 -6.01 18.62
C GLY C 104 21.29 -5.12 17.77
N TYR C 105 20.70 -5.69 16.71
CA TYR C 105 19.94 -4.94 15.72
C TYR C 105 20.77 -3.88 15.03
N THR C 106 22.09 -4.06 14.94
CA THR C 106 22.96 -3.04 14.38
C THR C 106 23.41 -3.31 12.95
N SER C 107 23.23 -4.53 12.45
CA SER C 107 23.77 -4.87 11.14
C SER C 107 22.81 -5.78 10.39
N LEU C 108 22.84 -5.66 9.07
CA LEU C 108 21.96 -6.41 8.17
C LEU C 108 22.68 -7.67 7.73
N ASP C 109 22.32 -8.81 8.32
CA ASP C 109 23.06 -10.03 8.05
C ASP C 109 22.44 -10.86 6.94
N VAL C 110 21.12 -10.89 6.82
CA VAL C 110 20.42 -11.68 5.80
C VAL C 110 19.68 -10.72 4.87
N TRP C 111 19.96 -10.84 3.57
CA TRP C 111 19.38 -9.98 2.55
C TRP C 111 18.56 -10.82 1.58
N GLY C 112 17.48 -10.25 1.06
CA GLY C 112 16.72 -10.92 0.04
C GLY C 112 17.46 -10.90 -1.29
N ARG C 113 16.88 -11.59 -2.28
CA ARG C 113 17.45 -11.56 -3.62
C ARG C 113 17.18 -10.24 -4.32
N GLY C 114 16.19 -9.49 -3.88
CA GLY C 114 15.88 -8.18 -4.41
C GLY C 114 14.79 -8.23 -5.46
N VAL C 115 14.11 -7.09 -5.64
CA VAL C 115 13.05 -6.98 -6.64
C VAL C 115 13.21 -5.66 -7.40
N LEU C 116 13.17 -5.74 -8.72
CA LEU C 116 13.34 -4.57 -9.57
C LEU C 116 12.06 -3.73 -9.57
N VAL C 117 12.24 -2.43 -9.39
CA VAL C 117 11.16 -1.46 -9.51
C VAL C 117 11.59 -0.50 -10.61
N THR C 118 10.74 -0.37 -11.63
CA THR C 118 11.01 0.53 -12.75
C THR C 118 9.88 1.56 -12.80
N VAL C 119 10.25 2.83 -12.68
CA VAL C 119 9.30 3.93 -12.75
C VAL C 119 9.51 4.59 -14.11
N SER C 120 8.56 4.38 -15.02
CA SER C 120 8.64 4.94 -16.37
C SER C 120 7.24 5.10 -16.93
N SER C 121 6.91 6.32 -17.37
CA SER C 121 5.66 6.58 -18.08
C SER C 121 5.72 6.10 -19.53
N ALA C 122 6.81 5.44 -19.92
CA ALA C 122 7.03 5.11 -21.33
C ALA C 122 5.96 4.16 -21.84
N SER C 123 5.59 4.36 -23.11
CA SER C 123 4.88 3.38 -23.91
C SER C 123 5.85 2.85 -24.97
N THR C 124 5.56 1.65 -25.48
CA THR C 124 6.45 1.03 -26.45
C THR C 124 6.79 1.99 -27.59
N LYS C 125 8.10 2.13 -27.84
CA LYS C 125 8.61 3.04 -28.86
C LYS C 125 9.80 2.41 -29.55
N GLY C 126 10.07 2.84 -30.77
CA GLY C 126 11.25 2.44 -31.50
C GLY C 126 12.32 3.51 -31.42
N PRO C 127 13.55 3.18 -31.87
CA PRO C 127 14.67 4.09 -31.64
C PRO C 127 15.00 5.01 -32.80
N SER C 128 15.60 6.17 -32.48
CA SER C 128 16.26 7.00 -33.48
C SER C 128 17.74 6.66 -33.51
N VAL C 129 18.33 6.77 -34.68
CA VAL C 129 19.71 6.35 -34.91
C VAL C 129 20.47 7.54 -35.48
N PHE C 130 21.52 7.95 -34.78
CA PHE C 130 22.30 9.10 -35.22
C PHE C 130 23.75 8.71 -35.41
N PRO C 131 24.45 9.35 -36.36
CA PRO C 131 25.83 8.97 -36.67
C PRO C 131 26.82 9.67 -35.74
N LEU C 132 27.39 8.90 -34.82
CA LEU C 132 28.54 9.37 -34.06
C LEU C 132 29.74 9.42 -34.99
N ALA C 133 29.91 10.55 -35.67
CA ALA C 133 30.88 10.67 -36.75
C ALA C 133 32.30 10.41 -36.23
N PRO C 134 33.20 9.93 -37.10
CA PRO C 134 34.50 9.45 -36.63
C PRO C 134 35.33 10.54 -35.97
N SER C 135 35.78 10.25 -34.75
CA SER C 135 36.74 11.08 -34.02
C SER C 135 37.92 10.21 -33.63
N SER C 136 39.10 10.82 -33.57
CA SER C 136 40.32 10.10 -33.21
C SER C 136 40.20 9.47 -31.82
N SER C 140 46.33 10.29 -33.13
CA SER C 140 46.73 9.09 -32.40
C SER C 140 47.56 8.18 -33.30
N GLY C 141 47.56 6.87 -33.00
CA GLY C 141 48.30 5.91 -33.79
C GLY C 141 47.53 5.39 -34.98
N GLY C 142 47.01 6.29 -35.82
CA GLY C 142 46.28 5.89 -37.01
C GLY C 142 44.96 5.19 -36.74
N THR C 143 44.27 5.55 -35.66
CA THR C 143 43.06 4.86 -35.24
C THR C 143 41.96 5.89 -34.99
N ALA C 144 40.78 5.64 -35.53
CA ALA C 144 39.63 6.51 -35.35
C ALA C 144 38.44 5.70 -34.85
N ALA C 145 37.59 6.35 -34.06
CA ALA C 145 36.42 5.72 -33.46
C ALA C 145 35.16 6.34 -34.03
N LEU C 146 34.21 5.49 -34.41
CA LEU C 146 32.89 5.92 -34.85
C LEU C 146 31.86 5.01 -34.23
N GLY C 147 30.59 5.39 -34.35
CA GLY C 147 29.57 4.68 -33.62
C GLY C 147 28.18 5.10 -34.04
N CYS C 148 27.20 4.63 -33.26
CA CYS C 148 25.80 4.91 -33.53
C CYS C 148 25.10 5.16 -32.20
N LEU C 149 24.39 6.28 -32.13
CA LEU C 149 23.59 6.61 -30.96
C LEU C 149 22.17 6.10 -31.18
N VAL C 150 21.73 5.17 -30.33
CA VAL C 150 20.41 4.57 -30.40
C VAL C 150 19.60 5.16 -29.26
N LYS C 151 18.74 6.13 -29.58
CA LYS C 151 18.09 6.96 -28.58
C LYS C 151 16.59 6.68 -28.50
N ASP C 152 16.06 6.80 -27.28
CA ASP C 152 14.64 6.98 -27.03
C ASP C 152 13.80 5.82 -27.58
N TYR C 153 14.01 4.65 -26.97
CA TYR C 153 13.18 3.48 -27.26
C TYR C 153 12.61 2.93 -25.95
N PHE C 154 11.65 2.02 -26.11
CA PHE C 154 11.03 1.33 -24.98
C PHE C 154 10.14 0.22 -25.53
N PRO C 155 10.16 -0.97 -24.92
CA PRO C 155 11.07 -1.41 -23.86
C PRO C 155 12.35 -1.96 -24.44
N GLU C 156 13.21 -2.50 -23.59
CA GLU C 156 14.40 -3.19 -24.06
C GLU C 156 13.97 -4.49 -24.74
N PRO C 157 14.88 -5.13 -25.49
CA PRO C 157 16.25 -4.72 -25.82
C PRO C 157 16.35 -4.16 -27.22
N VAL C 158 17.52 -3.60 -27.53
CA VAL C 158 17.93 -3.32 -28.90
C VAL C 158 19.16 -4.16 -29.17
N THR C 159 19.37 -4.52 -30.43
CA THR C 159 20.56 -5.24 -30.85
C THR C 159 21.14 -4.55 -32.08
N VAL C 160 22.44 -4.32 -32.07
CA VAL C 160 23.12 -3.57 -33.12
C VAL C 160 24.16 -4.48 -33.76
N SER C 161 24.28 -4.37 -35.08
CA SER C 161 25.35 -4.98 -35.84
C SER C 161 25.92 -3.92 -36.77
N TRP C 162 27.05 -4.24 -37.40
CA TRP C 162 27.76 -3.29 -38.24
C TRP C 162 28.08 -3.95 -39.57
N ASN C 163 27.60 -3.34 -40.66
CA ASN C 163 27.64 -3.97 -41.97
C ASN C 163 26.94 -5.33 -41.94
N SER C 164 25.90 -5.41 -41.11
CA SER C 164 25.09 -6.62 -40.89
C SER C 164 25.97 -7.85 -40.70
N GLY C 165 26.79 -7.80 -39.65
CA GLY C 165 27.58 -8.93 -39.22
C GLY C 165 28.96 -9.04 -39.83
N ALA C 166 29.30 -8.19 -40.81
CA ALA C 166 30.59 -8.32 -41.48
C ALA C 166 31.74 -7.82 -40.60
N LEU C 167 31.52 -6.79 -39.80
CA LEU C 167 32.57 -6.22 -38.95
C LEU C 167 32.33 -6.59 -37.50
N THR C 168 33.36 -7.17 -36.87
CA THR C 168 33.29 -7.62 -35.49
C THR C 168 34.49 -7.22 -34.65
N SER C 169 35.60 -6.83 -35.26
CA SER C 169 36.80 -6.42 -34.52
C SER C 169 36.71 -4.93 -34.21
N GLY C 170 36.78 -4.59 -32.92
CA GLY C 170 36.66 -3.22 -32.48
C GLY C 170 35.24 -2.80 -32.15
N VAL C 171 34.25 -3.65 -32.38
CA VAL C 171 32.86 -3.30 -32.12
C VAL C 171 32.56 -3.54 -30.64
N HIS C 172 31.91 -2.57 -30.00
CA HIS C 172 31.50 -2.71 -28.61
C HIS C 172 30.15 -2.03 -28.43
N THR C 173 29.17 -2.77 -27.97
CA THR C 173 27.83 -2.25 -27.72
C THR C 173 27.62 -2.12 -26.23
N PHE C 174 27.27 -0.95 -25.81
CA PHE C 174 27.19 -0.67 -24.39
C PHE C 174 25.80 -1.02 -23.85
N PRO C 175 25.69 -1.26 -22.54
CA PRO C 175 24.37 -1.43 -21.95
C PRO C 175 23.53 -0.16 -22.05
N ALA C 176 22.22 -0.34 -21.97
CA ALA C 176 21.32 0.78 -22.12
C ALA C 176 21.24 1.58 -20.82
N VAL C 177 20.93 2.87 -20.97
CA VAL C 177 20.70 3.76 -19.85
C VAL C 177 19.25 4.21 -19.89
N LEU C 178 18.64 4.35 -18.71
CA LEU C 178 17.28 4.86 -18.60
C LEU C 178 17.32 6.36 -18.38
N GLN C 179 17.15 7.11 -19.47
CA GLN C 179 17.21 8.56 -19.40
C GLN C 179 16.10 9.12 -18.50
N SER C 180 16.23 10.42 -18.21
CA SER C 180 15.18 11.14 -17.48
C SER C 180 13.88 11.19 -18.27
N SER C 181 13.96 11.06 -19.60
CA SER C 181 12.76 10.95 -20.42
C SER C 181 11.88 9.76 -20.02
N GLY C 182 12.45 8.78 -19.33
CA GLY C 182 11.77 7.52 -19.11
C GLY C 182 12.06 6.48 -20.17
N LEU C 183 12.79 6.83 -21.22
CA LEU C 183 13.09 5.93 -22.33
C LEU C 183 14.56 5.51 -22.28
N TYR C 184 14.82 4.32 -22.82
CA TYR C 184 16.16 3.76 -22.82
C TYR C 184 16.95 4.28 -24.02
N SER C 185 18.27 4.23 -23.89
CA SER C 185 19.17 4.58 -24.97
C SER C 185 20.48 3.83 -24.78
N LEU C 186 21.15 3.57 -25.90
CA LEU C 186 22.48 2.95 -25.86
C LEU C 186 23.23 3.35 -27.12
N SER C 187 24.52 3.13 -27.09
CA SER C 187 25.38 3.44 -28.22
C SER C 187 26.23 2.22 -28.53
N SER C 188 26.74 2.18 -29.75
CA SER C 188 27.59 1.10 -30.20
C SER C 188 28.71 1.73 -31.01
N VAL C 189 29.93 1.32 -30.73
CA VAL C 189 31.11 1.98 -31.27
C VAL C 189 31.99 0.93 -31.91
N VAL C 190 32.67 1.33 -32.97
CA VAL C 190 33.59 0.47 -33.67
C VAL C 190 34.89 1.25 -33.86
N THR C 191 35.99 0.67 -33.38
CA THR C 191 37.31 1.26 -33.60
C THR C 191 37.80 0.79 -34.96
N VAL C 192 38.15 1.73 -35.83
CA VAL C 192 38.56 1.41 -37.19
C VAL C 192 39.87 2.13 -37.48
N PRO C 193 40.58 1.71 -38.53
CA PRO C 193 41.76 2.47 -38.95
C PRO C 193 41.36 3.81 -39.56
N SER C 194 42.17 4.83 -39.30
CA SER C 194 41.97 6.12 -39.96
C SER C 194 42.37 6.05 -41.43
N SER C 195 43.22 5.10 -41.79
CA SER C 195 43.39 4.68 -43.17
C SER C 195 42.04 4.51 -43.84
N SER C 196 41.11 3.93 -43.06
CA SER C 196 39.89 3.37 -43.60
C SER C 196 38.93 4.44 -44.12
N LEU C 197 39.01 5.66 -43.60
CA LEU C 197 38.02 6.68 -43.92
C LEU C 197 38.21 7.19 -45.34
N GLY C 198 37.08 7.37 -46.04
CA GLY C 198 37.11 7.76 -47.44
C GLY C 198 36.74 6.62 -48.35
N THR C 199 37.49 5.52 -48.27
CA THR C 199 37.20 4.35 -49.07
C THR C 199 36.30 3.35 -48.36
N GLN C 200 36.30 3.33 -47.03
CA GLN C 200 35.34 2.52 -46.31
C GLN C 200 33.95 3.14 -46.37
N THR C 201 32.96 2.36 -45.95
CA THR C 201 31.63 2.86 -45.66
C THR C 201 31.07 1.99 -44.55
N TYR C 202 30.70 2.61 -43.43
CA TYR C 202 30.25 1.89 -42.25
C TYR C 202 28.78 2.14 -42.01
N ILE C 203 28.01 1.05 -41.89
CA ILE C 203 26.58 1.10 -41.67
C ILE C 203 26.28 0.31 -40.41
N CYS C 204 25.42 0.85 -39.56
CA CYS C 204 25.07 0.22 -38.30
C CYS C 204 23.61 -0.23 -38.35
N ASN C 205 23.39 -1.50 -38.00
CA ASN C 205 22.11 -2.17 -38.20
C ASN C 205 21.42 -2.31 -36.85
N VAL C 206 20.46 -1.41 -36.60
CA VAL C 206 19.72 -1.38 -35.34
C VAL C 206 18.40 -2.10 -35.56
N ASN C 207 18.06 -3.01 -34.64
CA ASN C 207 16.82 -3.78 -34.74
C ASN C 207 16.16 -3.82 -33.37
N HIS C 208 15.03 -3.12 -33.23
CA HIS C 208 14.19 -3.15 -32.05
C HIS C 208 12.88 -3.81 -32.46
N LYS C 209 12.65 -5.03 -32.00
CA LYS C 209 11.55 -5.83 -32.55
C LYS C 209 10.25 -5.61 -31.77
N PRO C 210 10.29 -5.23 -30.49
CA PRO C 210 9.05 -4.71 -29.87
C PRO C 210 8.46 -3.54 -30.63
N SER C 211 9.26 -2.90 -31.49
CA SER C 211 8.79 -1.87 -32.41
C SER C 211 8.60 -2.37 -33.82
N ASN C 212 9.19 -3.53 -34.16
CA ASN C 212 9.33 -3.96 -35.55
C ASN C 212 10.04 -2.89 -36.38
N THR C 213 10.90 -2.12 -35.72
CA THR C 213 11.71 -1.11 -36.39
C THR C 213 13.05 -1.72 -36.77
N LYS C 214 13.56 -1.31 -37.94
CA LYS C 214 14.88 -1.73 -38.36
C LYS C 214 15.49 -0.60 -39.18
N VAL C 215 16.52 0.04 -38.61
CA VAL C 215 17.19 1.17 -39.23
C VAL C 215 18.59 0.76 -39.60
N ASP C 216 19.11 1.34 -40.69
CA ASP C 216 20.48 1.10 -41.17
C ASP C 216 21.13 2.45 -41.44
N LYS C 217 21.55 3.14 -40.38
CA LYS C 217 22.23 4.41 -40.53
C LYS C 217 23.69 4.18 -40.91
N ARG C 218 24.20 5.01 -41.82
CA ARG C 218 25.60 4.97 -42.22
C ARG C 218 26.35 6.13 -41.57
N VAL C 219 27.40 5.81 -40.82
CA VAL C 219 28.23 6.83 -40.19
C VAL C 219 29.21 7.36 -41.23
N GLU C 220 29.10 8.65 -41.53
CA GLU C 220 29.95 9.29 -42.52
C GLU C 220 30.87 10.31 -41.86
N PRO C 221 32.11 10.44 -42.31
CA PRO C 221 33.00 11.48 -41.75
C PRO C 221 32.39 12.87 -41.90
N LYS C 222 32.77 13.76 -41.00
CA LYS C 222 32.22 15.11 -40.97
C LYS C 222 32.94 16.03 -41.95
N PCA D 1 22.50 16.61 6.00
CA PCA D 1 22.72 15.24 5.44
CB PCA D 1 22.21 15.15 4.00
CG PCA D 1 21.85 16.56 3.59
CD PCA D 1 21.99 17.36 4.85
OE PCA D 1 21.69 18.56 4.90
C PCA D 1 24.18 14.86 5.49
O PCA D 1 24.97 15.27 4.64
H2 PCA D 1 21.63 16.75 6.12
HA PCA D 1 22.21 14.61 5.98
HB2 PCA D 1 21.44 14.55 3.95
HB3 PCA D 1 22.92 14.80 3.43
HG2 PCA D 1 20.94 16.59 3.23
HG3 PCA D 1 22.47 16.88 2.90
N VAL D 2 24.55 14.07 6.49
CA VAL D 2 25.90 13.56 6.62
C VAL D 2 26.21 12.63 5.46
N VAL D 3 27.44 12.68 4.98
CA VAL D 3 27.94 11.81 3.93
C VAL D 3 29.12 11.03 4.49
N PHE D 4 29.21 9.76 4.11
CA PHE D 4 30.33 8.89 4.48
C PHE D 4 31.08 8.62 3.18
N SER D 5 32.21 9.28 3.01
CA SER D 5 32.91 9.34 1.73
C SER D 5 33.96 8.25 1.67
N GLN D 6 33.91 7.44 0.62
CA GLN D 6 34.89 6.40 0.37
C GLN D 6 35.60 6.67 -0.95
N PRO D 7 36.86 6.27 -1.09
CA PRO D 7 37.49 6.30 -2.41
C PRO D 7 36.69 5.48 -3.39
N HIS D 8 36.59 5.96 -4.63
CA HIS D 8 35.78 5.25 -5.62
C HIS D 8 36.32 3.86 -5.90
N SER D 9 37.63 3.69 -5.85
CA SER D 9 38.20 2.38 -6.13
C SER D 9 39.56 2.26 -5.45
N VAL D 10 39.93 1.02 -5.16
CA VAL D 10 41.24 0.68 -4.66
C VAL D 10 41.65 -0.61 -5.37
N SER D 11 42.96 -0.83 -5.44
CA SER D 11 43.47 -2.03 -6.05
C SER D 11 44.75 -2.43 -5.35
N GLY D 12 45.08 -3.70 -5.49
CA GLY D 12 46.31 -4.24 -4.94
C GLY D 12 46.64 -5.50 -5.68
N SER D 13 47.90 -5.88 -5.60
CA SER D 13 48.33 -7.16 -6.14
C SER D 13 48.03 -8.28 -5.15
N PRO D 14 47.85 -9.50 -5.62
CA PRO D 14 47.65 -10.63 -4.69
C PRO D 14 48.73 -10.65 -3.61
N GLY D 15 48.31 -10.86 -2.37
CA GLY D 15 49.20 -10.87 -1.23
C GLY D 15 49.40 -9.53 -0.57
N GLN D 16 49.10 -8.42 -1.25
CA GLN D 16 49.28 -7.12 -0.65
C GLN D 16 48.18 -6.85 0.37
N THR D 17 48.34 -5.74 1.09
CA THR D 17 47.33 -5.24 2.02
C THR D 17 46.73 -3.97 1.44
N VAL D 18 45.41 -3.92 1.35
CA VAL D 18 44.69 -2.78 0.81
C VAL D 18 43.80 -2.21 1.91
N THR D 19 43.67 -0.89 1.93
CA THR D 19 42.91 -0.17 2.95
C THR D 19 41.84 0.68 2.29
N ILE D 20 40.64 0.65 2.85
CA ILE D 20 39.51 1.45 2.37
C ILE D 20 39.07 2.35 3.51
N SER D 21 39.05 3.65 3.26
CA SER D 21 38.67 4.64 4.26
C SER D 21 37.21 5.05 4.10
N CYS D 22 36.68 5.64 5.16
CA CYS D 22 35.28 6.03 5.24
C CYS D 22 35.26 7.26 6.13
N THR D 23 35.13 8.44 5.52
CA THR D 23 35.28 9.71 6.23
C THR D 23 33.90 10.35 6.39
N ARG D 24 33.53 10.63 7.63
CA ARG D 24 32.24 11.22 7.92
C ARG D 24 32.31 12.73 7.75
N SER D 25 31.41 13.27 6.93
CA SER D 25 31.50 14.68 6.53
C SER D 25 31.17 15.62 7.69
N SER D 26 30.26 15.23 8.57
CA SER D 26 29.83 16.09 9.66
C SER D 26 29.55 15.23 10.89
N GLY D 27 29.69 15.83 12.06
CA GLY D 27 29.59 15.09 13.30
C GLY D 27 30.78 14.18 13.49
N SER D 28 30.81 13.53 14.64
CA SER D 28 31.93 12.68 15.00
C SER D 28 31.72 11.25 14.53
N ILE D 29 32.77 10.67 13.92
CA ILE D 29 32.71 9.28 13.50
C ILE D 29 32.41 8.37 14.68
N ASP D 30 32.78 8.79 15.89
CA ASP D 30 32.55 8.00 17.10
C ASP D 30 31.13 8.13 17.63
N ASN D 31 30.27 8.90 16.97
CA ASN D 31 28.88 9.01 17.40
C ASN D 31 28.14 7.69 17.29
N GLU D 32 28.51 6.85 16.32
CA GLU D 32 27.78 5.63 16.06
C GLU D 32 28.74 4.56 15.56
N TYR D 33 28.36 3.30 15.75
CA TYR D 33 29.14 2.20 15.21
C TYR D 33 29.29 2.34 13.70
N VAL D 34 30.43 1.89 13.19
CA VAL D 34 30.66 1.75 11.77
C VAL D 34 30.61 0.27 11.42
N ARG D 35 29.91 -0.04 10.32
CA ARG D 35 29.80 -1.39 9.79
C ARG D 35 30.38 -1.41 8.39
N TRP D 36 30.78 -2.60 7.94
CA TRP D 36 31.32 -2.77 6.60
C TRP D 36 30.63 -3.96 5.94
N TYR D 37 30.18 -3.76 4.71
CA TYR D 37 29.53 -4.79 3.91
C TYR D 37 30.33 -5.07 2.65
N GLN D 38 30.37 -6.33 2.25
CA GLN D 38 31.01 -6.75 1.01
C GLN D 38 29.93 -7.20 0.04
N GLN D 39 30.01 -6.73 -1.21
CA GLN D 39 29.06 -7.10 -2.25
C GLN D 39 29.86 -7.62 -3.44
N ARG D 40 29.94 -8.94 -3.55
CA ARG D 40 30.61 -9.53 -4.69
C ARG D 40 29.77 -9.30 -5.95
N PRO D 41 30.40 -9.27 -7.12
CA PRO D 41 29.64 -8.97 -8.34
C PRO D 41 28.47 -9.93 -8.53
N GLY D 42 27.33 -9.36 -8.91
CA GLY D 42 26.12 -10.14 -9.11
C GLY D 42 25.50 -10.73 -7.87
N SER D 43 25.96 -10.38 -6.69
CA SER D 43 25.53 -10.99 -5.44
C SER D 43 25.00 -9.93 -4.48
N VAL D 44 24.42 -10.39 -3.37
CA VAL D 44 23.85 -9.47 -2.38
C VAL D 44 24.91 -9.15 -1.34
N PRO D 45 24.79 -8.04 -0.61
CA PRO D 45 25.81 -7.71 0.39
C PRO D 45 25.81 -8.70 1.55
N THR D 46 26.98 -8.81 2.20
CA THR D 46 27.13 -9.56 3.44
C THR D 46 27.99 -8.76 4.39
N ILE D 47 27.82 -8.99 5.69
CA ILE D 47 28.63 -8.30 6.69
C ILE D 47 30.06 -8.80 6.63
N VAL D 48 31.02 -7.89 6.70
CA VAL D 48 32.40 -8.25 6.98
C VAL D 48 32.86 -7.71 8.32
N ILE D 49 32.44 -6.50 8.69
CA ILE D 49 32.73 -5.92 9.99
C ILE D 49 31.46 -5.30 10.54
N TYR D 50 31.18 -5.55 11.81
CA TYR D 50 30.14 -4.84 12.53
C TYR D 50 30.71 -4.33 13.84
N LYS D 51 30.00 -3.38 14.45
CA LYS D 51 30.44 -2.76 15.69
C LYS D 51 31.92 -2.35 15.62
N ASP D 52 32.24 -1.58 14.57
CA ASP D 52 33.56 -0.98 14.36
C ASP D 52 34.63 -1.99 13.94
N ASN D 53 34.73 -3.13 14.65
CA ASN D 53 35.85 -4.02 14.40
C ASN D 53 35.57 -5.50 14.66
N GLN D 54 34.32 -5.92 14.78
CA GLN D 54 34.01 -7.33 15.03
C GLN D 54 33.76 -8.07 13.72
N ARG D 55 34.28 -9.30 13.64
CA ARG D 55 34.16 -10.13 12.46
C ARG D 55 33.10 -11.20 12.67
N PRO D 56 32.10 -11.32 11.82
CA PRO D 56 31.20 -12.47 11.92
C PRO D 56 31.93 -13.77 11.62
N SER D 57 31.42 -14.86 12.17
CA SER D 57 31.94 -16.17 11.85
C SER D 57 31.98 -16.36 10.33
N GLY D 58 33.05 -16.98 9.85
CA GLY D 58 33.23 -17.18 8.43
C GLY D 58 34.00 -16.09 7.72
N VAL D 59 34.19 -14.94 8.33
CA VAL D 59 34.97 -13.86 7.73
C VAL D 59 36.42 -14.02 8.19
N PRO D 60 37.38 -14.18 7.27
CA PRO D 60 38.77 -14.43 7.69
C PRO D 60 39.35 -13.29 8.49
N ASP D 61 40.37 -13.62 9.28
CA ASP D 61 41.09 -12.59 10.03
C ASP D 61 41.92 -11.68 9.12
N ARG D 62 41.97 -11.96 7.82
CA ARG D 62 42.56 -11.02 6.88
C ARG D 62 41.81 -9.68 6.87
N PHE D 63 40.54 -9.68 7.28
CA PHE D 63 39.71 -8.48 7.31
C PHE D 63 39.77 -7.84 8.69
N SER D 64 40.00 -6.52 8.74
CA SER D 64 39.99 -5.85 10.04
C SER D 64 39.47 -4.42 9.88
N GLY D 65 38.78 -3.97 10.92
CA GLY D 65 38.21 -2.63 10.94
C GLY D 65 38.84 -1.80 12.04
N SER D 66 38.86 -0.49 11.81
CA SER D 66 39.44 0.43 12.79
C SER D 66 38.78 1.79 12.66
N ILE D 67 38.91 2.59 13.71
CA ILE D 67 38.40 3.95 13.75
C ILE D 67 39.57 4.90 14.00
N ASP D 68 39.53 6.06 13.35
CA ASP D 68 40.52 7.11 13.55
C ASP D 68 39.78 8.42 13.83
N SER D 69 39.62 8.76 15.11
CA SER D 69 38.82 9.92 15.47
C SER D 69 39.46 11.23 15.01
N SER D 70 40.80 11.29 14.97
CA SER D 70 41.45 12.54 14.59
C SER D 70 41.16 12.91 13.14
N SER D 71 40.97 11.92 12.27
CA SER D 71 40.59 12.16 10.89
C SER D 71 39.09 11.96 10.65
N ASN D 72 38.32 11.66 11.69
CA ASN D 72 36.87 11.46 11.58
C ASN D 72 36.56 10.39 10.54
N SER D 73 37.32 9.30 10.57
CA SER D 73 37.22 8.28 9.54
C SER D 73 37.23 6.90 10.17
N ALA D 74 36.82 5.92 9.37
CA ALA D 74 36.94 4.51 9.71
C ALA D 74 37.60 3.82 8.52
N SER D 75 38.25 2.70 8.79
CA SER D 75 39.01 2.04 7.75
C SER D 75 38.81 0.53 7.82
N LEU D 76 38.69 -0.07 6.64
CA LEU D 76 38.70 -1.51 6.45
C LEU D 76 40.02 -1.88 5.79
N ALA D 77 40.79 -2.72 6.45
CA ALA D 77 42.05 -3.21 5.89
C ALA D 77 41.89 -4.69 5.54
N ILE D 78 42.38 -5.07 4.37
CA ILE D 78 42.34 -6.45 3.89
C ILE D 78 43.77 -6.88 3.59
N SER D 79 44.31 -7.76 4.44
CA SER D 79 45.65 -8.27 4.24
C SER D 79 45.63 -9.54 3.39
N GLY D 80 46.79 -9.89 2.86
CA GLY D 80 46.94 -11.11 2.08
C GLY D 80 45.97 -11.19 0.92
N LEU D 81 45.82 -10.11 0.19
CA LEU D 81 44.74 -9.98 -0.79
C LEU D 81 44.64 -11.19 -1.71
N GLN D 82 43.43 -11.72 -1.86
CA GLN D 82 43.17 -12.85 -2.73
C GLN D 82 42.00 -12.53 -3.66
N SER D 83 41.85 -13.36 -4.69
CA SER D 83 40.96 -13.03 -5.80
C SER D 83 39.51 -12.89 -5.35
N GLU D 84 39.07 -13.75 -4.42
CA GLU D 84 37.68 -13.69 -3.98
C GLU D 84 37.36 -12.41 -3.21
N ASP D 85 38.36 -11.58 -2.93
CA ASP D 85 38.11 -10.32 -2.23
C ASP D 85 37.63 -9.23 -3.17
N GLU D 86 37.80 -9.41 -4.48
CA GLU D 86 37.28 -8.47 -5.45
C GLU D 86 35.78 -8.31 -5.25
N ALA D 87 35.37 -7.08 -4.96
CA ALA D 87 33.98 -6.79 -4.63
C ALA D 87 33.86 -5.30 -4.42
N ASP D 88 32.63 -4.84 -4.27
CA ASP D 88 32.37 -3.49 -3.79
C ASP D 88 32.19 -3.51 -2.29
N TYR D 89 32.80 -2.54 -1.61
CA TYR D 89 32.76 -2.46 -0.16
C TYR D 89 32.05 -1.18 0.26
N TYR D 90 31.14 -1.31 1.22
CA TYR D 90 30.36 -0.19 1.73
C TYR D 90 30.50 -0.10 3.24
N CYS D 91 30.92 1.07 3.73
CA CYS D 91 30.76 1.34 5.15
C CYS D 91 29.32 1.80 5.40
N GLN D 92 28.89 1.70 6.64
CA GLN D 92 27.53 2.06 7.01
C GLN D 92 27.52 2.51 8.45
N SER D 93 26.83 3.62 8.72
CA SER D 93 26.65 4.11 10.08
C SER D 93 25.29 4.78 10.14
N SER D 94 25.12 5.79 11.00
CA SER D 94 23.85 6.48 11.09
C SER D 94 24.08 7.95 11.43
N ASP D 95 23.06 8.78 11.20
CA ASP D 95 23.17 10.24 11.27
C ASP D 95 22.43 10.80 12.49
N ASP D 96 22.30 12.13 12.53
CA ASP D 96 21.72 12.81 13.68
C ASP D 96 20.24 12.48 13.89
N ASN D 97 19.54 12.07 12.85
CA ASN D 97 18.15 11.65 12.97
C ASN D 97 18.00 10.14 13.16
N PHE D 98 19.11 9.45 13.39
CA PHE D 98 19.12 8.00 13.63
C PHE D 98 18.63 7.24 12.41
N ASN D 99 18.78 7.84 11.23
CA ASN D 99 18.62 7.12 9.97
C ASN D 99 19.95 6.48 9.60
N TRP D 100 19.90 5.25 9.11
CA TRP D 100 21.11 4.58 8.67
C TRP D 100 21.58 5.15 7.34
N VAL D 101 22.90 5.14 7.15
CA VAL D 101 23.52 5.74 5.98
C VAL D 101 24.64 4.82 5.50
N PHE D 102 24.62 4.46 4.23
CA PHE D 102 25.73 3.77 3.60
C PHE D 102 26.73 4.77 3.05
N GLY D 103 28.00 4.39 3.05
CA GLY D 103 29.00 5.12 2.30
C GLY D 103 28.80 4.96 0.80
N GLY D 104 29.50 5.82 0.05
CA GLY D 104 29.37 5.83 -1.39
C GLY D 104 29.85 4.56 -2.07
N GLY D 105 30.62 3.74 -1.39
CA GLY D 105 31.07 2.48 -1.95
C GLY D 105 32.46 2.58 -2.57
N THR D 106 33.21 1.48 -2.48
CA THR D 106 34.54 1.36 -3.05
C THR D 106 34.61 0.05 -3.83
N ARG D 107 35.00 0.13 -5.09
CA ARG D 107 35.24 -1.06 -5.88
C ARG D 107 36.68 -1.49 -5.70
N LEU D 108 36.89 -2.73 -5.25
CA LEU D 108 38.21 -3.27 -4.97
C LEU D 108 38.57 -4.26 -6.06
N THR D 109 39.69 -4.04 -6.73
CA THR D 109 40.19 -4.93 -7.76
C THR D 109 41.46 -5.63 -7.29
N VAL D 110 41.55 -6.92 -7.55
CA VAL D 110 42.79 -7.67 -7.39
C VAL D 110 43.44 -7.70 -8.76
N LEU D 111 44.55 -6.97 -8.90
CA LEU D 111 45.16 -6.78 -10.20
C LEU D 111 45.63 -8.11 -10.78
N ARG D 112 45.21 -8.39 -12.01
CA ARG D 112 45.66 -9.57 -12.74
C ARG D 112 46.24 -9.19 -14.11
N GLN D 113 46.44 -7.90 -14.35
CA GLN D 113 47.15 -7.43 -15.54
C GLN D 113 47.64 -6.03 -15.26
N PRO D 114 48.50 -5.48 -16.12
CA PRO D 114 49.01 -4.13 -15.87
C PRO D 114 47.91 -3.09 -15.91
N LYS D 115 48.12 -2.02 -15.14
CA LYS D 115 47.18 -0.92 -15.15
C LYS D 115 47.22 -0.20 -16.49
N ALA D 116 46.05 0.19 -16.98
CA ALA D 116 45.92 0.91 -18.24
C ALA D 116 44.99 2.10 -18.04
N ALA D 117 45.44 3.29 -18.44
CA ALA D 117 44.62 4.49 -18.34
C ALA D 117 43.60 4.52 -19.48
N PRO D 118 42.42 5.11 -19.23
CA PRO D 118 41.37 5.09 -20.25
C PRO D 118 41.69 5.97 -21.45
N SER D 119 41.26 5.50 -22.62
CA SER D 119 41.16 6.34 -23.80
C SER D 119 39.75 6.91 -23.85
N VAL D 120 39.65 8.21 -24.10
CA VAL D 120 38.37 8.91 -24.06
C VAL D 120 38.12 9.56 -25.41
N THR D 121 36.92 9.34 -25.95
CA THR D 121 36.47 9.99 -27.18
C THR D 121 35.14 10.67 -26.89
N LEU D 122 35.04 11.96 -27.24
CA LEU D 122 33.84 12.75 -26.99
C LEU D 122 33.26 13.20 -28.32
N PHE D 123 32.02 12.76 -28.62
CA PHE D 123 31.32 13.12 -29.85
C PHE D 123 30.35 14.26 -29.58
N PRO D 124 30.38 15.33 -30.37
CA PRO D 124 29.34 16.37 -30.24
C PRO D 124 28.02 15.89 -30.84
N PRO D 125 26.95 16.66 -30.70
CA PRO D 125 25.69 16.27 -31.34
C PRO D 125 25.85 16.22 -32.85
N SER D 126 25.21 15.25 -33.47
CA SER D 126 25.21 15.16 -34.92
C SER D 126 24.30 16.23 -35.51
N SER D 127 24.59 16.61 -36.76
CA SER D 127 23.71 17.52 -37.47
C SER D 127 22.28 17.00 -37.48
N GLU D 128 22.10 15.69 -37.67
CA GLU D 128 20.77 15.12 -37.75
C GLU D 128 20.00 15.30 -36.46
N GLU D 129 20.64 15.02 -35.32
CA GLU D 129 19.95 15.13 -34.04
C GLU D 129 19.53 16.56 -33.77
N LEU D 130 20.37 17.52 -34.14
CA LEU D 130 20.03 18.93 -33.93
C LEU D 130 18.90 19.35 -34.86
N GLN D 131 18.89 18.84 -36.09
CA GLN D 131 17.73 19.06 -36.96
C GLN D 131 16.46 18.50 -36.35
N ALA D 132 16.59 17.45 -35.54
CA ALA D 132 15.47 16.91 -34.79
C ALA D 132 15.24 17.64 -33.46
N ASN D 133 15.87 18.80 -33.28
CA ASN D 133 15.68 19.62 -32.07
C ASN D 133 16.11 18.86 -30.82
N LYS D 134 17.15 18.06 -30.94
CA LYS D 134 17.72 17.35 -29.80
C LYS D 134 19.23 17.48 -29.85
N ALA D 135 19.87 17.18 -28.71
CA ALA D 135 21.32 17.22 -28.63
C ALA D 135 21.79 16.22 -27.58
N THR D 136 22.79 15.42 -27.94
CA THR D 136 23.38 14.45 -27.03
C THR D 136 24.89 14.45 -27.24
N LEU D 137 25.62 14.60 -26.15
CA LEU D 137 27.06 14.40 -26.17
C LEU D 137 27.37 12.97 -25.75
N VAL D 138 28.29 12.33 -26.45
CA VAL D 138 28.59 10.92 -26.23
C VAL D 138 30.06 10.80 -25.90
N CYS D 139 30.34 10.32 -24.70
CA CYS D 139 31.70 10.11 -24.21
C CYS D 139 31.97 8.61 -24.15
N LEU D 140 32.90 8.15 -24.96
CA LEU D 140 33.23 6.73 -25.05
C LEU D 140 34.57 6.48 -24.39
N ILE D 141 34.59 5.53 -23.46
CA ILE D 141 35.74 5.29 -22.58
C ILE D 141 36.15 3.84 -22.76
N SER D 142 37.40 3.60 -23.15
CA SER D 142 37.83 2.26 -23.50
C SER D 142 39.23 1.97 -22.97
N ASP D 143 39.54 0.67 -22.92
CA ASP D 143 40.90 0.17 -22.76
C ASP D 143 41.51 0.54 -21.40
N PHE D 144 40.70 0.55 -20.35
CA PHE D 144 41.21 0.86 -19.01
C PHE D 144 41.17 -0.37 -18.11
N TYR D 145 42.14 -0.41 -17.19
CA TYR D 145 42.20 -1.45 -16.18
C TYR D 145 42.94 -0.89 -14.97
N PRO D 146 42.41 -1.10 -13.74
CA PRO D 146 41.18 -1.80 -13.35
C PRO D 146 39.90 -1.19 -13.93
N GLY D 147 38.84 -1.97 -13.95
CA GLY D 147 37.57 -1.54 -14.51
C GLY D 147 36.76 -0.69 -13.56
N ALA D 148 37.28 0.48 -13.18
CA ALA D 148 36.56 1.42 -12.33
C ALA D 148 36.92 2.83 -12.76
N VAL D 149 35.91 3.62 -13.13
CA VAL D 149 36.09 5.01 -13.50
C VAL D 149 34.94 5.80 -12.90
N THR D 150 35.18 7.09 -12.70
CA THR D 150 34.13 8.04 -12.44
C THR D 150 34.15 9.06 -13.56
N VAL D 151 32.96 9.45 -14.01
CA VAL D 151 32.82 10.39 -15.10
C VAL D 151 32.20 11.66 -14.55
N ALA D 152 32.78 12.81 -14.89
CA ALA D 152 32.23 14.09 -14.53
C ALA D 152 32.11 14.92 -15.80
N TRP D 153 30.95 15.56 -15.98
CA TRP D 153 30.72 16.48 -17.07
C TRP D 153 30.78 17.92 -16.56
N LYS D 154 31.35 18.80 -17.37
CA LYS D 154 31.40 20.21 -17.06
C LYS D 154 31.05 21.03 -18.30
N ALA D 155 30.25 22.08 -18.08
CA ALA D 155 29.91 23.05 -19.12
C ALA D 155 30.59 24.36 -18.73
N ASP D 156 31.58 24.75 -19.52
CA ASP D 156 32.41 25.92 -19.19
C ASP D 156 32.81 25.90 -17.71
N SER D 157 33.32 24.75 -17.28
CA SER D 157 33.89 24.48 -15.94
C SER D 157 32.84 24.34 -14.86
N SER D 158 31.59 24.40 -15.16
CA SER D 158 30.61 24.17 -14.11
C SER D 158 30.12 22.73 -14.13
N PRO D 159 30.03 22.06 -12.98
CA PRO D 159 29.59 20.67 -12.98
C PRO D 159 28.17 20.52 -13.50
N VAL D 160 27.96 19.50 -14.33
CA VAL D 160 26.64 19.15 -14.85
C VAL D 160 26.27 17.78 -14.29
N LYS D 161 25.22 17.74 -13.47
CA LYS D 161 24.69 16.49 -12.95
C LYS D 161 23.40 16.06 -13.66
N ALA D 162 22.52 17.01 -13.99
CA ALA D 162 21.25 16.67 -14.62
C ALA D 162 21.44 16.36 -16.10
N GLY D 163 20.79 15.29 -16.55
CA GLY D 163 20.88 14.88 -17.93
C GLY D 163 22.04 13.96 -18.23
N VAL D 164 22.72 13.46 -17.20
CA VAL D 164 23.87 12.58 -17.36
C VAL D 164 23.42 11.15 -17.08
N GLU D 165 23.89 10.22 -17.91
CA GLU D 165 23.66 8.80 -17.69
C GLU D 165 24.92 8.06 -18.09
N THR D 166 25.39 7.16 -17.22
CA THR D 166 26.66 6.50 -17.37
C THR D 166 26.49 5.00 -17.15
N THR D 167 27.13 4.20 -18.02
CA THR D 167 27.05 2.76 -17.91
C THR D 167 28.13 2.23 -16.98
N THR D 168 27.86 1.08 -16.36
CA THR D 168 28.87 0.44 -15.55
C THR D 168 29.93 -0.16 -16.46
N PRO D 169 31.19 -0.15 -16.06
CA PRO D 169 32.23 -0.71 -16.92
C PRO D 169 31.90 -2.16 -17.29
N SER D 170 32.19 -2.53 -18.52
CA SER D 170 31.97 -3.88 -19.00
C SER D 170 33.24 -4.41 -19.64
N LYS D 171 33.39 -5.73 -19.59
CA LYS D 171 34.58 -6.37 -20.14
C LYS D 171 34.57 -6.32 -21.66
N GLN D 172 35.65 -5.82 -22.23
CA GLN D 172 35.90 -5.94 -23.66
C GLN D 172 36.85 -7.12 -23.88
N SER D 173 36.76 -7.73 -25.06
CA SER D 173 37.36 -9.04 -25.25
C SER D 173 38.88 -9.03 -25.22
N ASN D 174 39.53 -7.85 -25.17
CA ASN D 174 40.94 -7.81 -24.84
C ASN D 174 41.20 -7.79 -23.33
N ASN D 175 40.18 -8.13 -22.54
CA ASN D 175 40.23 -8.27 -21.08
C ASN D 175 40.35 -6.93 -20.36
N LYS D 176 40.37 -5.81 -21.07
CA LYS D 176 40.27 -4.50 -20.45
C LYS D 176 38.79 -4.10 -20.35
N TYR D 177 38.52 -2.86 -19.96
CA TYR D 177 37.16 -2.43 -19.68
C TYR D 177 36.80 -1.19 -20.49
N ALA D 178 35.51 -1.06 -20.76
CA ALA D 178 34.96 0.07 -21.50
C ALA D 178 33.73 0.57 -20.77
N ALA D 179 33.43 1.85 -20.95
CA ALA D 179 32.18 2.40 -20.45
C ALA D 179 31.78 3.57 -21.33
N SER D 180 30.57 4.06 -21.10
CA SER D 180 30.00 5.13 -21.90
C SER D 180 29.23 6.06 -20.97
N SER D 181 29.20 7.33 -21.36
CA SER D 181 28.43 8.32 -20.62
C SER D 181 27.77 9.26 -21.62
N TYR D 182 26.59 9.76 -21.27
CA TYR D 182 25.81 10.61 -22.15
C TYR D 182 25.38 11.87 -21.42
N LEU D 183 25.41 12.99 -22.13
CA LEU D 183 24.90 14.26 -21.62
C LEU D 183 23.85 14.76 -22.57
N SER D 184 22.62 14.90 -22.08
CA SER D 184 21.51 15.40 -22.89
C SER D 184 21.35 16.90 -22.68
N LEU D 185 21.27 17.62 -23.78
CA LEU D 185 21.17 19.07 -23.79
C LEU D 185 20.06 19.48 -24.73
N THR D 186 19.55 20.68 -24.54
CA THR D 186 18.77 21.28 -25.62
C THR D 186 19.72 21.86 -26.66
N PRO D 187 19.29 21.93 -27.94
CA PRO D 187 20.14 22.58 -28.95
C PRO D 187 20.55 23.98 -28.56
N GLU D 188 19.71 24.68 -27.80
CA GLU D 188 20.00 26.05 -27.40
C GLU D 188 21.09 26.08 -26.35
N GLN D 189 21.07 25.12 -25.42
CA GLN D 189 22.16 25.00 -24.47
C GLN D 189 23.47 24.63 -25.15
N TRP D 190 23.41 23.67 -26.09
CA TRP D 190 24.61 23.30 -26.85
C TRP D 190 25.23 24.51 -27.53
N LYS D 191 24.41 25.38 -28.11
CA LYS D 191 24.93 26.52 -28.86
C LYS D 191 25.32 27.70 -27.98
N SER D 192 24.81 27.76 -26.74
CA SER D 192 25.08 28.90 -25.87
C SER D 192 26.40 28.73 -25.12
N HIS D 193 26.62 27.56 -24.52
CA HIS D 193 27.88 27.27 -23.85
C HIS D 193 29.02 27.22 -24.88
N ARG D 194 30.25 27.26 -24.38
CA ARG D 194 31.40 27.27 -25.27
C ARG D 194 32.37 26.12 -25.07
N SER D 195 32.32 25.41 -23.95
CA SER D 195 33.17 24.25 -23.74
C SER D 195 32.41 23.21 -22.94
N TYR D 196 32.23 22.04 -23.52
CA TYR D 196 31.71 20.87 -22.82
C TYR D 196 32.84 19.87 -22.66
N SER D 197 32.98 19.33 -21.45
CA SER D 197 34.10 18.46 -21.12
C SER D 197 33.61 17.19 -20.45
N CYS D 198 34.09 16.06 -20.94
CA CYS D 198 33.91 14.76 -20.28
C CYS D 198 35.20 14.44 -19.55
N GLN D 199 35.13 14.37 -18.22
CA GLN D 199 36.30 14.13 -17.37
C GLN D 199 36.21 12.74 -16.77
N VAL D 200 37.14 11.88 -17.13
CA VAL D 200 37.15 10.48 -16.71
C VAL D 200 38.31 10.31 -15.73
N THR D 201 37.98 10.00 -14.48
CA THR D 201 38.98 9.81 -13.45
C THR D 201 39.21 8.31 -13.24
N HIS D 202 40.47 7.91 -13.31
CA HIS D 202 40.87 6.52 -13.17
C HIS D 202 42.10 6.49 -12.27
N GLU D 203 41.99 5.79 -11.15
CA GLU D 203 43.09 5.69 -10.19
C GLU D 203 43.67 7.07 -9.88
N GLY D 204 42.79 8.05 -9.66
CA GLY D 204 43.20 9.37 -9.23
C GLY D 204 43.66 10.32 -10.32
N SER D 205 43.84 9.85 -11.55
CA SER D 205 44.26 10.70 -12.65
C SER D 205 43.09 10.91 -13.62
N THR D 206 42.89 12.14 -14.05
CA THR D 206 41.74 12.51 -14.87
C THR D 206 42.16 12.69 -16.33
N VAL D 207 41.50 11.98 -17.23
CA VAL D 207 41.62 12.18 -18.67
C VAL D 207 40.39 12.96 -19.13
N GLU D 208 40.63 14.10 -19.79
CA GLU D 208 39.56 15.00 -20.20
C GLU D 208 39.56 15.15 -21.72
N LYS D 209 38.36 15.25 -22.29
CA LYS D 209 38.17 15.69 -23.66
C LYS D 209 37.10 16.78 -23.66
N THR D 210 37.20 17.70 -24.61
CA THR D 210 36.26 18.81 -24.70
C THR D 210 35.80 18.98 -26.15
N VAL D 211 34.56 19.43 -26.30
CA VAL D 211 34.03 19.85 -27.59
C VAL D 211 33.40 21.21 -27.37
N ALA D 212 33.23 21.95 -28.48
CA ALA D 212 32.60 23.27 -28.45
C ALA D 212 31.73 23.44 -29.68
N PRO D 213 30.58 24.12 -29.55
CA PRO D 213 29.75 24.35 -30.73
C PRO D 213 30.41 25.22 -31.78
N THR D 214 31.48 25.93 -31.43
CA THR D 214 32.19 26.80 -32.37
C THR D 214 33.22 26.07 -33.20
N GLU D 215 33.29 24.74 -33.11
CA GLU D 215 34.29 23.98 -33.85
C GLU D 215 33.69 23.38 -35.12
N CYS E 9 8.74 -8.51 34.17
CA CYS E 9 9.94 -8.58 33.33
C CYS E 9 10.70 -7.25 33.38
N VAL E 10 11.71 -7.18 34.25
CA VAL E 10 12.43 -5.94 34.48
C VAL E 10 13.17 -5.50 33.22
N THR E 11 13.23 -4.20 33.00
CA THR E 11 13.98 -3.61 31.91
C THR E 11 15.26 -3.00 32.45
N LEU E 12 16.38 -3.30 31.79
CA LEU E 12 17.67 -2.72 32.12
C LEU E 12 18.02 -1.63 31.11
N GLU E 13 18.73 -0.62 31.58
CA GLU E 13 19.35 0.38 30.70
C GLU E 13 20.85 0.22 30.82
N CYS E 14 21.51 -0.13 29.71
CA CYS E 14 22.90 -0.53 29.72
C CYS E 14 23.70 0.27 28.70
N ARG E 15 25.01 0.34 28.95
CA ARG E 15 25.94 0.92 28.00
C ARG E 15 27.26 0.16 28.05
N GLN E 16 28.13 0.47 27.09
CA GLN E 16 29.48 -0.07 27.11
C GLN E 16 30.23 0.38 28.35
N VAL E 17 31.19 -0.42 28.78
CA VAL E 17 31.97 -0.11 29.96
C VAL E 17 33.12 0.81 29.58
N ASN E 18 33.43 1.77 30.45
CA ASN E 18 34.52 2.72 30.22
C ASN E 18 35.80 2.00 29.83
N GLU E 32 32.86 -13.05 28.76
CA GLU E 32 33.85 -12.19 28.15
C GLU E 32 33.39 -10.72 28.14
N GLU E 33 32.44 -10.41 27.27
CA GLU E 33 31.94 -9.05 27.12
C GLU E 33 30.90 -8.72 28.19
N ILE E 34 31.00 -7.52 28.75
CA ILE E 34 30.09 -7.08 29.80
C ILE E 34 29.48 -5.74 29.41
N LYS E 35 28.31 -5.47 29.99
CA LYS E 35 27.65 -4.18 29.86
C LYS E 35 27.45 -3.59 31.25
N ASN E 36 27.33 -2.28 31.29
CA ASN E 36 27.17 -1.52 32.53
C ASN E 36 25.72 -1.07 32.61
N CYS E 37 24.97 -1.63 33.55
CA CYS E 37 23.51 -1.56 33.55
C CYS E 37 22.96 -0.99 34.85
N SER E 38 21.83 -0.29 34.73
CA SER E 38 20.96 0.07 35.84
C SER E 38 19.62 -0.64 35.70
N PHE E 39 18.88 -0.69 36.81
CA PHE E 39 17.61 -1.39 36.89
C PHE E 39 16.45 -0.41 36.91
N ASN E 40 15.23 -0.96 36.89
CA ASN E 40 14.00 -0.19 36.99
C ASN E 40 13.86 0.82 35.85
N ALA E 41 14.33 0.45 34.66
CA ALA E 41 14.26 1.33 33.51
C ALA E 41 12.88 1.27 32.87
N THR E 42 12.59 2.28 32.05
CA THR E 42 11.41 2.27 31.21
C THR E 42 11.58 1.27 30.07
N LYS E 51 20.08 4.11 40.44
CA LYS E 51 21.28 4.87 40.72
C LYS E 51 22.45 3.96 41.09
N VAL E 52 22.17 2.66 41.19
CA VAL E 52 23.21 1.64 41.35
C VAL E 52 23.43 0.98 39.99
N TYR E 53 24.69 0.88 39.59
CA TYR E 53 25.07 0.28 38.32
C TYR E 53 25.78 -1.03 38.58
N ALA E 54 25.43 -2.05 37.80
CA ALA E 54 26.05 -3.36 37.90
C ALA E 54 26.49 -3.81 36.52
N LEU E 55 27.55 -4.61 36.49
CA LEU E 55 28.07 -5.14 35.24
C LEU E 55 27.42 -6.49 34.96
N PHE E 56 26.73 -6.59 33.82
CA PHE E 56 26.11 -7.81 33.37
C PHE E 56 26.91 -8.40 32.21
N TYR E 57 26.96 -9.72 32.15
CA TYR E 57 27.52 -10.38 30.99
C TYR E 57 26.55 -10.26 29.82
N ARG E 58 27.08 -9.88 28.66
CA ARG E 58 26.23 -9.62 27.50
C ARG E 58 25.47 -10.87 27.07
N LEU E 59 26.03 -12.06 27.36
CA LEU E 59 25.31 -13.30 27.09
C LEU E 59 24.04 -13.44 27.90
N ASP E 60 23.94 -12.75 29.04
CA ASP E 60 22.80 -12.91 29.94
C ASP E 60 21.68 -11.91 29.68
N ILE E 61 21.89 -10.94 28.79
CA ILE E 61 20.90 -9.91 28.53
C ILE E 61 20.59 -9.90 27.04
N VAL E 62 19.41 -9.34 26.72
CA VAL E 62 18.89 -9.36 25.37
C VAL E 62 18.49 -7.94 24.99
N PRO E 63 19.08 -7.36 23.95
CA PRO E 63 18.71 -5.99 23.56
C PRO E 63 17.25 -5.92 23.13
N LEU E 64 16.58 -4.85 23.54
CA LEU E 64 15.21 -4.57 23.12
C LEU E 64 15.16 -3.56 21.99
N GLU E 65 16.30 -2.99 21.62
CA GLU E 65 16.41 -2.01 20.56
C GLU E 65 17.86 -1.99 20.13
N GLU E 66 18.14 -1.20 19.10
CA GLU E 66 19.49 -1.16 18.55
C GLU E 66 20.51 -0.77 19.62
N GLU E 67 21.53 -1.61 19.82
CA GLU E 67 22.65 -1.24 20.68
C GLU E 67 23.45 -0.12 20.03
N ARG E 68 24.03 0.74 20.87
CA ARG E 68 24.59 2.00 20.42
C ARG E 68 26.01 2.22 20.95
N LYS E 69 26.84 2.87 20.12
CA LYS E 69 28.16 3.28 20.54
C LYS E 69 28.05 4.55 21.38
N GLY E 70 28.47 4.47 22.63
CA GLY E 70 28.46 5.65 23.48
C GLY E 70 27.09 6.13 23.89
N ASN E 71 26.08 5.28 23.80
CA ASN E 71 24.74 5.57 24.32
C ASN E 71 24.24 4.37 25.09
N SER E 72 23.30 4.66 25.98
CA SER E 72 22.56 3.60 26.65
C SER E 72 21.43 3.12 25.76
N SER E 73 21.04 1.87 25.96
CA SER E 73 19.88 1.30 25.28
C SER E 73 19.25 0.29 26.23
N LYS E 74 18.05 -0.18 25.89
CA LYS E 74 17.28 -1.01 26.80
C LYS E 74 17.51 -2.50 26.52
N TYR E 75 17.49 -3.28 27.60
CA TYR E 75 17.66 -4.73 27.52
C TYR E 75 16.69 -5.38 28.49
N ARG E 76 16.51 -6.68 28.32
CA ARG E 76 15.85 -7.54 29.28
C ARG E 76 16.78 -8.70 29.61
N LEU E 77 16.49 -9.38 30.73
CA LEU E 77 17.26 -10.57 31.08
C LEU E 77 16.87 -11.72 30.17
N ILE E 78 17.86 -12.52 29.77
CA ILE E 78 17.57 -13.62 28.85
C ILE E 78 16.62 -14.63 29.49
N ASN E 79 16.61 -14.70 30.84
CA ASN E 79 15.75 -15.66 31.53
C ASN E 79 14.28 -15.25 31.49
N CYS E 80 13.97 -13.96 31.35
CA CYS E 80 12.58 -13.50 31.35
C CYS E 80 11.77 -14.20 30.25
N CYS F 9 -36.30 -17.30 47.02
CA CYS F 9 -34.93 -16.81 47.11
C CYS F 9 -34.90 -15.35 47.54
N VAL F 10 -33.94 -15.00 48.39
CA VAL F 10 -33.79 -13.61 48.79
C VAL F 10 -33.14 -12.84 47.66
N THR F 11 -33.64 -11.63 47.42
CA THR F 11 -33.07 -10.75 46.41
C THR F 11 -32.10 -9.78 47.08
N LEU F 12 -30.95 -9.60 46.44
CA LEU F 12 -29.96 -8.62 46.85
C LEU F 12 -30.03 -7.39 45.95
N GLU F 13 -29.68 -6.24 46.51
CA GLU F 13 -29.44 -5.02 45.74
C GLU F 13 -27.98 -4.65 45.88
N CYS F 14 -27.25 -4.67 44.76
CA CYS F 14 -25.79 -4.62 44.79
C CYS F 14 -25.26 -3.54 43.87
N ARG F 15 -24.08 -3.02 44.20
CA ARG F 15 -23.40 -2.05 43.38
C ARG F 15 -21.90 -2.22 43.51
N GLN F 16 -21.16 -1.56 42.63
CA GLN F 16 -19.71 -1.57 42.69
C GLN F 16 -19.23 -1.01 44.02
N VAL F 17 -18.12 -1.56 44.51
CA VAL F 17 -17.55 -1.10 45.77
C VAL F 17 -17.18 0.37 45.67
N ASN F 18 -17.10 1.02 46.83
CA ASN F 18 -16.64 2.41 46.91
C ASN F 18 -15.17 2.52 46.49
N GLU F 32 -10.84 -11.33 43.37
CA GLU F 32 -11.78 -11.21 42.26
C GLU F 32 -12.71 -10.02 42.48
N GLU F 33 -13.66 -9.82 41.57
CA GLU F 33 -14.60 -8.72 41.70
C GLU F 33 -15.51 -8.93 42.91
N ILE F 34 -15.75 -7.85 43.65
CA ILE F 34 -16.62 -7.87 44.82
C ILE F 34 -17.71 -6.83 44.62
N LYS F 35 -18.91 -7.15 45.10
CA LYS F 35 -20.04 -6.23 45.06
C LYS F 35 -20.48 -5.90 46.48
N ASN F 36 -20.91 -4.65 46.68
CA ASN F 36 -21.45 -4.18 47.94
C ASN F 36 -22.97 -4.35 47.88
N CYS F 37 -23.53 -5.25 48.70
CA CYS F 37 -24.91 -5.66 48.57
C CYS F 37 -25.70 -5.42 49.86
N SER F 38 -27.02 -5.21 49.69
CA SER F 38 -27.96 -5.17 50.80
C SER F 38 -29.03 -6.24 50.59
N PHE F 39 -29.53 -6.78 51.70
CA PHE F 39 -30.53 -7.85 51.68
C PHE F 39 -31.94 -7.27 51.78
N ASN F 40 -32.92 -8.16 51.69
CA ASN F 40 -34.33 -7.81 51.89
C ASN F 40 -34.75 -6.58 51.09
N VAL F 52 -26.21 -4.01 57.41
CA VAL F 52 -27.23 -4.36 56.43
C VAL F 52 -26.58 -4.46 55.04
N TYR F 53 -25.34 -3.99 54.91
CA TYR F 53 -24.56 -4.11 53.69
C TYR F 53 -23.44 -5.11 53.90
N ALA F 54 -23.38 -6.14 53.05
CA ALA F 54 -22.33 -7.13 53.07
C ALA F 54 -21.68 -7.21 51.70
N LEU F 55 -20.42 -7.63 51.68
CA LEU F 55 -19.66 -7.72 50.45
C LEU F 55 -19.72 -9.16 49.96
N PHE F 56 -20.17 -9.34 48.72
CA PHE F 56 -20.25 -10.64 48.09
C PHE F 56 -19.31 -10.68 46.91
N TYR F 57 -18.70 -11.84 46.68
CA TYR F 57 -17.95 -12.03 45.46
C TYR F 57 -18.91 -12.12 44.28
N ARG F 58 -18.54 -11.47 43.18
CA ARG F 58 -19.41 -11.46 42.01
C ARG F 58 -19.71 -12.86 41.53
N LEU F 59 -18.80 -13.82 41.75
CA LEU F 59 -19.02 -15.19 41.30
C LEU F 59 -20.13 -15.88 42.08
N ASP F 60 -20.54 -15.36 43.24
CA ASP F 60 -21.54 -16.02 44.07
C ASP F 60 -22.93 -15.43 43.92
N ILE F 61 -23.10 -14.40 43.08
CA ILE F 61 -24.41 -13.80 42.86
C ILE F 61 -24.68 -13.81 41.37
N VAL F 62 -25.96 -13.70 41.02
CA VAL F 62 -26.41 -13.82 39.65
C VAL F 62 -27.31 -12.64 39.34
N PRO F 63 -27.02 -11.84 38.31
CA PRO F 63 -27.90 -10.69 38.02
C PRO F 63 -29.31 -11.13 37.63
N LEU F 64 -30.29 -10.36 38.11
CA LEU F 64 -31.68 -10.53 37.74
C LEU F 64 -32.13 -9.49 36.72
N GLU F 65 -31.26 -8.55 36.39
CA GLU F 65 -31.56 -7.46 35.49
C GLU F 65 -30.22 -6.92 35.02
N GLU F 66 -30.25 -6.05 34.02
CA GLU F 66 -29.02 -5.50 33.48
C GLU F 66 -28.20 -4.83 34.59
N GLU F 67 -26.93 -5.22 34.68
CA GLU F 67 -26.01 -4.54 35.58
C GLU F 67 -25.70 -3.15 35.03
N ARG F 68 -25.41 -2.22 35.93
CA ARG F 68 -25.36 -0.80 35.58
C ARG F 68 -24.11 -0.13 36.13
N LYS F 69 -23.48 0.68 35.29
CA LYS F 69 -22.33 1.47 35.72
C LYS F 69 -22.77 2.57 36.69
N GLY F 70 -22.17 2.60 37.87
CA GLY F 70 -22.48 3.64 38.84
C GLY F 70 -23.89 3.59 39.41
N ASN F 71 -24.56 2.45 39.28
CA ASN F 71 -25.92 2.29 39.78
C ASN F 71 -26.07 0.90 40.36
N SER F 72 -27.04 0.75 41.26
CA SER F 72 -27.33 -0.55 41.84
C SER F 72 -28.30 -1.32 40.94
N SER F 73 -28.28 -2.65 41.10
CA SER F 73 -29.23 -3.51 40.42
C SER F 73 -29.46 -4.74 41.28
N LYS F 74 -30.43 -5.54 40.89
CA LYS F 74 -30.89 -6.67 41.70
C LYS F 74 -30.19 -7.96 41.29
N TYR F 75 -29.93 -8.81 42.29
CA TYR F 75 -29.26 -10.09 42.11
C TYR F 75 -29.89 -11.13 43.02
N ARG F 76 -29.59 -12.40 42.74
CA ARG F 76 -29.89 -13.51 43.62
C ARG F 76 -28.60 -14.27 43.91
N LEU F 77 -28.63 -15.10 44.95
CA LEU F 77 -27.49 -15.93 45.26
C LEU F 77 -27.37 -17.08 44.27
N ILE F 78 -26.13 -17.51 44.02
CA ILE F 78 -25.91 -18.58 43.05
C ILE F 78 -26.50 -19.89 43.53
N ASN F 79 -26.52 -20.12 44.84
CA ASN F 79 -27.16 -21.33 45.38
C ASN F 79 -28.64 -21.37 45.02
N CYS F 80 -29.33 -20.26 45.23
CA CYS F 80 -30.76 -20.18 45.00
C CYS F 80 -31.03 -19.70 43.58
C1 NAG G . 28.99 2.41 34.98
C2 NAG G . 30.42 2.75 35.31
C3 NAG G . 30.46 3.62 36.55
C4 NAG G . 29.69 4.91 36.26
C5 NAG G . 28.28 4.60 35.79
C6 NAG G . 27.57 5.82 35.24
C7 NAG G . 32.09 1.13 34.54
C8 NAG G . 32.88 -0.10 34.88
N2 NAG G . 31.24 1.56 35.48
O3 NAG G . 31.81 3.90 36.92
O4 NAG G . 29.63 5.72 37.43
O5 NAG G . 28.27 3.63 34.73
O6 NAG G . 26.65 5.48 34.22
O7 NAG G . 32.20 1.70 33.46
H1 NAG G . 28.59 1.95 35.73
H2 NAG G . 30.79 3.27 34.57
H3 NAG G . 30.02 3.15 37.28
H4 NAG G . 30.16 5.40 35.56
H5 NAG G . 27.76 4.26 36.54
H61 NAG G . 28.24 6.43 34.88
H62 NAG G . 27.10 6.27 35.96
H81 NAG G . 32.28 -0.83 35.06
H82 NAG G . 33.43 0.09 35.66
H83 NAG G . 33.46 -0.32 34.12
HN2 NAG G . 31.21 1.11 36.28
HO3 NAG G . 31.83 4.21 37.75
HO4 NAG G . 28.96 5.44 37.94
HO6 NAG G . 26.23 6.22 33.94
C1 NAG H . 23.76 9.92 21.24
C2 NAG H . 24.72 9.89 20.04
C3 NAG H . 24.82 11.29 19.45
C4 NAG H . 23.41 11.79 19.15
C5 NAG H . 22.48 11.60 20.36
C6 NAG H . 21.02 11.82 20.06
C7 NAG H . 26.85 9.78 21.31
C8 NAG H . 28.20 9.12 21.40
N2 NAG H . 26.06 9.36 20.32
O3 NAG H . 25.61 11.30 18.27
O4 NAG H . 23.43 13.19 18.84
O5 NAG H . 22.56 10.26 20.83
O6 NAG H . 20.26 11.61 21.24
O7 NAG H . 26.50 10.64 22.10
H1 NAG H . 24.07 10.57 21.90
H2 NAG H . 24.32 9.32 19.37
H3 NAG H . 25.22 11.89 20.12
H4 NAG H . 23.04 11.31 18.39
H5 NAG H . 22.75 12.20 21.07
H61 NAG H . 20.73 11.20 19.37
H62 NAG H . 20.89 12.74 19.76
H81 NAG H . 28.69 9.27 20.56
H82 NAG H . 28.70 9.50 22.14
H83 NAG H . 28.08 8.16 21.54
HN2 NAG H . 26.38 8.71 19.76
HO3 NAG H . 25.83 12.14 18.07
HO4 NAG H . 22.63 13.45 18.59
HO6 NAG H . 19.39 11.52 21.03
C1 NAG I . -27.99 5.75 37.13
C2 NAG I . -27.39 6.37 35.88
C3 NAG I . -27.95 7.78 35.69
C4 NAG I . -29.47 7.73 35.65
C5 NAG I . -29.99 7.06 36.92
C6 NAG I . -31.49 6.91 36.95
C7 NAG I . -25.27 6.98 36.98
C8 NAG I . -23.77 6.93 36.91
N2 NAG I . -25.94 6.41 35.97
O3 NAG I . -27.44 8.33 34.48
O4 NAG I . -30.02 9.04 35.55
O5 NAG I . -29.43 5.75 37.04
O6 NAG I . -31.90 5.70 36.33
O7 NAG I . -25.86 7.51 37.92
C1 NAG J . -20.95 -0.48 51.25
C2 NAG J . -19.77 0.32 51.76
C3 NAG J . -20.02 0.81 53.17
C4 NAG J . -21.32 1.61 53.22
C5 NAG J . -22.47 0.81 52.60
C6 NAG J . -23.73 1.63 52.43
C7 NAG J . -17.78 -0.55 50.61
C8 NAG J . -16.54 -1.40 50.74
N2 NAG J . -18.53 -0.46 51.71
O3 NAG J . -18.94 1.62 53.61
O4 NAG J . -21.65 1.92 54.56
O5 NAG J . -22.12 0.33 51.30
O6 NAG J . -23.50 2.72 51.54
O7 NAG J . -18.07 0.00 49.56
#